data_3DH9
#
_entry.id   3DH9
#
_cell.length_a   150.971
_cell.length_b   150.971
_cell.length_c   267.706
_cell.angle_alpha   90.000
_cell.angle_beta   90.000
_cell.angle_gamma   120.000
#
_symmetry.space_group_name_H-M   'H 3 2'
#
loop_
_entity.id
_entity.type
_entity.pdbx_description
1 polymer 'Thioredoxin reductase 1'
2 non-polymer 'FLAVIN-ADENINE DINUCLEOTIDE'
3 water water
#
_entity_poly.entity_id   1
_entity_poly.type   'polypeptide(L)'
_entity_poly.pdbx_seq_one_letter_code
;QGSYDYDLIVIGGGSAGLACAKEAVLNGARVACLDFVKPTPTLGTKWGVGGTCVNVGCIPKKLMHQASLLGEAVHEAAAY
GWNVDDKIKPDWHKLVQSVQNHIKSVNWVTRVDLRDKKVEYINGLGSFVDSHTLLAKLKSGERTITAQTFVIAVGGRPRY
PDIPGAVEYGITSDDLFSLDREPGKTLVVGAGYIGLECAGFLKGLGYEPTVMVRSIVLRGFDQQMAELVAASMEERGIPF
LRKTVPLSVEKQDDGKLLVKYKNVETGEESEDVYDTVLWAIGRKGLVDDLNLPNAGVTVQKDKIPVDSQEATNVANIYAV
GDIIYGKPELTPVAVLAGRLLARRLYGGSTQRMDYKDVATTVFTPLEYACVGLSEEDAVKQFGADEIEVFHGYYKPTEFF
IPQKSVRYCYLKAVAERHGDQRVYGLHYIGPVAGEVIQGFAAALKSGLTINTLINTVGIHPTTAEEFTRLAITKRSGLDP
TP
;
_entity_poly.pdbx_strand_id   A,B
#
loop_
_chem_comp.id
_chem_comp.type
_chem_comp.name
_chem_comp.formula
FAD non-polymer 'FLAVIN-ADENINE DINUCLEOTIDE' 'C27 H33 N9 O15 P2'
#
# COMPACT_ATOMS: atom_id res chain seq x y z
N GLN A 1 -24.20 20.26 37.34
CA GLN A 1 -24.74 20.66 38.68
C GLN A 1 -26.11 20.00 38.98
N GLY A 2 -26.11 19.12 39.98
CA GLY A 2 -27.25 18.27 40.30
C GLY A 2 -26.81 17.08 41.15
N SER A 3 -25.86 16.32 40.62
CA SER A 3 -25.13 15.22 41.31
C SER A 3 -25.67 13.79 41.15
N TYR A 4 -24.95 13.05 40.30
CA TYR A 4 -25.24 11.67 39.96
C TYR A 4 -24.02 10.85 40.33
N ASP A 5 -24.19 9.52 40.28
CA ASP A 5 -23.09 8.57 40.49
C ASP A 5 -21.92 8.77 39.50
N TYR A 6 -22.22 9.09 38.23
CA TYR A 6 -21.16 9.29 37.21
C TYR A 6 -21.36 10.56 36.41
N ASP A 7 -20.27 11.10 35.88
CA ASP A 7 -20.38 12.21 34.93
C ASP A 7 -20.96 11.65 33.64
N LEU A 8 -20.46 10.47 33.30
CA LEU A 8 -20.67 9.84 32.01
C LEU A 8 -20.90 8.31 32.23
N ILE A 9 -21.98 7.76 31.67
CA ILE A 9 -22.12 6.30 31.51
C ILE A 9 -22.17 5.94 29.99
N VAL A 10 -21.30 5.03 29.57
CA VAL A 10 -21.26 4.60 28.16
C VAL A 10 -21.93 3.23 28.07
N ILE A 11 -22.84 3.03 27.14
CA ILE A 11 -23.53 1.74 27.05
C ILE A 11 -23.08 1.03 25.79
N GLY A 12 -22.27 -0.02 25.98
CA GLY A 12 -21.59 -0.65 24.89
C GLY A 12 -20.09 -0.48 25.04
N GLY A 13 -19.35 -1.59 24.97
CA GLY A 13 -17.89 -1.56 25.03
C GLY A 13 -17.15 -2.06 23.77
N GLY A 14 -17.50 -1.53 22.59
CA GLY A 14 -16.77 -1.86 21.34
C GLY A 14 -15.99 -0.62 20.97
N SER A 15 -15.87 -0.34 19.67
CA SER A 15 -14.86 0.64 19.19
C SER A 15 -15.17 2.01 19.67
N ALA A 16 -16.47 2.36 19.62
CA ALA A 16 -16.91 3.72 19.96
C ALA A 16 -17.01 3.83 21.45
N GLY A 17 -17.61 2.81 22.09
CA GLY A 17 -17.85 2.99 23.52
C GLY A 17 -16.54 3.12 24.33
N LEU A 18 -15.63 2.20 24.05
CA LEU A 18 -14.35 2.22 24.68
C LEU A 18 -13.51 3.45 24.33
N ALA A 19 -13.47 3.84 23.07
CA ALA A 19 -12.74 5.06 22.72
C ALA A 19 -13.33 6.22 23.52
N CYS A 20 -14.66 6.22 23.63
CA CYS A 20 -15.31 7.33 24.29
C CYS A 20 -15.02 7.32 25.79
N ALA A 21 -15.16 6.15 26.43
CA ALA A 21 -14.94 6.01 27.85
C ALA A 21 -13.52 6.45 28.22
N LYS A 22 -12.51 5.94 27.51
CA LYS A 22 -11.10 6.25 27.75
C LYS A 22 -10.75 7.75 27.57
N GLU A 23 -11.17 8.36 26.46
CA GLU A 23 -10.96 9.78 26.26
C GLU A 23 -11.69 10.65 27.32
N ALA A 24 -12.77 10.12 27.90
CA ALA A 24 -13.55 10.88 28.94
C ALA A 24 -12.82 10.97 30.30
N VAL A 25 -12.36 9.82 30.79
CA VAL A 25 -11.46 9.72 31.92
C VAL A 25 -10.12 10.49 31.76
N LEU A 26 -9.56 10.52 30.57
CA LEU A 26 -8.32 11.25 30.34
C LEU A 26 -8.49 12.73 30.67
N ASN A 27 -9.72 13.20 30.43
CA ASN A 27 -10.10 14.57 30.62
C ASN A 27 -10.85 14.76 31.94
N GLY A 28 -10.69 13.78 32.83
CA GLY A 28 -11.11 13.92 34.23
C GLY A 28 -12.56 13.61 34.56
N ALA A 29 -13.31 13.01 33.65
CA ALA A 29 -14.67 12.56 34.02
C ALA A 29 -14.69 11.33 34.92
N ARG A 30 -15.77 11.18 35.65
CA ARG A 30 -16.07 9.96 36.43
C ARG A 30 -17.00 9.11 35.57
N VAL A 31 -16.50 7.99 35.08
CA VAL A 31 -17.13 7.24 33.98
C VAL A 31 -17.27 5.74 34.26
N ALA A 32 -18.45 5.22 33.93
CA ALA A 32 -18.67 3.76 33.78
C ALA A 32 -18.92 3.46 32.31
N CYS A 33 -18.69 2.21 31.92
CA CYS A 33 -18.90 1.74 30.59
C CYS A 33 -19.43 0.34 30.72
N LEU A 34 -20.62 0.08 30.17
CA LEU A 34 -21.20 -1.28 30.25
C LEU A 34 -20.93 -1.99 28.97
N ASP A 35 -20.58 -3.26 29.10
CA ASP A 35 -20.55 -4.09 27.92
C ASP A 35 -21.07 -5.49 28.15
N PHE A 36 -21.85 -6.02 27.22
CA PHE A 36 -22.40 -7.35 27.36
C PHE A 36 -22.63 -7.91 25.96
N VAL A 37 -22.44 -9.23 25.82
CA VAL A 37 -22.46 -9.96 24.54
C VAL A 37 -23.44 -11.15 24.70
N LYS A 38 -24.56 -11.03 24.02
CA LYS A 38 -25.57 -12.06 23.91
C LYS A 38 -25.07 -13.19 23.01
N PRO A 39 -25.18 -14.45 23.46
CA PRO A 39 -24.65 -15.52 22.63
C PRO A 39 -25.53 -15.70 21.39
N THR A 40 -24.92 -16.15 20.27
CA THR A 40 -25.68 -16.45 19.04
C THR A 40 -26.75 -17.54 19.37
N PRO A 41 -27.94 -17.49 18.75
CA PRO A 41 -28.99 -18.48 19.15
C PRO A 41 -28.62 -19.80 18.46
N THR A 42 -28.81 -20.98 19.03
CA THR A 42 -28.18 -22.20 18.39
C THR A 42 -26.70 -22.04 18.53
N LEU A 43 -25.93 -23.07 18.77
CA LEU A 43 -24.44 -22.75 18.64
C LEU A 43 -23.94 -21.90 19.80
N GLY A 44 -24.59 -20.79 20.11
CA GLY A 44 -24.32 -20.10 21.37
C GLY A 44 -22.94 -19.43 21.44
N THR A 45 -22.43 -18.97 20.31
CA THR A 45 -21.13 -18.30 20.25
C THR A 45 -21.18 -17.01 21.10
N LYS A 46 -20.15 -16.80 21.91
CA LYS A 46 -20.02 -15.58 22.69
C LYS A 46 -18.53 -15.21 22.77
N TRP A 47 -18.21 -14.07 23.31
CA TRP A 47 -16.83 -13.61 23.30
C TRP A 47 -16.67 -12.51 24.30
N GLY A 48 -15.42 -12.01 24.35
CA GLY A 48 -14.95 -11.10 25.38
C GLY A 48 -15.16 -9.65 25.02
N VAL A 49 -14.51 -8.80 25.80
CA VAL A 49 -14.68 -7.37 25.70
C VAL A 49 -14.05 -6.80 24.40
N GLY A 50 -14.59 -5.70 23.90
CA GLY A 50 -13.88 -4.97 22.83
C GLY A 50 -14.72 -4.86 21.61
N GLY A 51 -15.85 -5.56 21.60
CA GLY A 51 -16.89 -5.40 20.58
C GLY A 51 -16.67 -6.18 19.31
N THR A 52 -17.24 -5.66 18.23
CA THR A 52 -17.43 -6.42 17.00
C THR A 52 -16.12 -6.51 16.20
N CYS A 53 -15.44 -5.39 16.08
CA CYS A 53 -14.26 -5.37 15.29
C CYS A 53 -13.24 -6.47 15.70
N VAL A 54 -12.86 -6.46 16.96
CA VAL A 54 -11.85 -7.38 17.52
C VAL A 54 -12.32 -8.82 17.46
N ASN A 55 -13.56 -9.07 17.84
CA ASN A 55 -14.04 -10.38 18.13
C ASN A 55 -14.68 -11.15 16.98
N VAL A 56 -15.48 -10.45 16.16
CA VAL A 56 -16.27 -11.11 15.14
C VAL A 56 -16.38 -10.24 13.85
N GLY A 57 -15.42 -9.31 13.67
CA GLY A 57 -15.42 -8.34 12.54
C GLY A 57 -14.09 -8.21 11.77
N CYS A 58 -13.54 -6.99 11.83
CA CYS A 58 -12.41 -6.55 11.03
C CYS A 58 -11.27 -7.46 11.27
N ILE A 59 -11.03 -7.83 12.53
CA ILE A 59 -9.77 -8.49 12.85
C ILE A 59 -9.76 -9.94 12.37
N PRO A 60 -10.74 -10.75 12.82
CA PRO A 60 -10.65 -12.12 12.26
C PRO A 60 -10.81 -12.22 10.70
N LYS A 61 -11.54 -11.27 10.08
CA LYS A 61 -11.80 -11.27 8.66
C LYS A 61 -10.46 -10.97 7.94
N LYS A 62 -9.71 -9.99 8.45
CA LYS A 62 -8.42 -9.67 7.87
C LYS A 62 -7.47 -10.88 8.00
N LEU A 63 -7.52 -11.58 9.14
CA LEU A 63 -6.60 -12.67 9.42
C LEU A 63 -6.84 -13.88 8.49
N MET A 64 -8.10 -14.23 8.29
CA MET A 64 -8.50 -15.23 7.29
C MET A 64 -8.26 -14.81 5.82
N HIS A 65 -8.49 -13.54 5.50
CA HIS A 65 -8.09 -13.04 4.21
C HIS A 65 -6.55 -13.23 4.06
N GLN A 66 -5.75 -12.89 5.10
CA GLN A 66 -4.32 -13.15 5.03
C GLN A 66 -4.06 -14.64 4.81
N ALA A 67 -4.84 -15.53 5.45
CA ALA A 67 -4.62 -16.98 5.34
C ALA A 67 -4.81 -17.38 3.88
N SER A 68 -5.81 -16.81 3.28
CA SER A 68 -6.10 -17.07 1.85
C SER A 68 -5.02 -16.50 0.88
N LEU A 69 -4.59 -15.27 1.09
CA LEU A 69 -3.48 -14.69 0.29
C LEU A 69 -2.16 -15.47 0.38
N LEU A 70 -1.90 -16.03 1.57
CA LEU A 70 -0.71 -16.79 1.78
C LEU A 70 -0.73 -18.06 0.98
N GLY A 71 -1.90 -18.70 0.87
CA GLY A 71 -2.06 -19.82 -0.04
C GLY A 71 -1.66 -19.47 -1.47
N GLU A 72 -2.09 -18.32 -1.93
CA GLU A 72 -1.77 -17.93 -3.31
C GLU A 72 -0.29 -17.62 -3.46
N ALA A 73 0.29 -17.03 -2.43
CA ALA A 73 1.68 -16.73 -2.44
C ALA A 73 2.48 -18.00 -2.60
N VAL A 74 2.05 -19.04 -1.87
CA VAL A 74 2.68 -20.36 -1.95
C VAL A 74 2.59 -20.90 -3.40
N HIS A 75 1.42 -20.81 -4.03
CA HIS A 75 1.31 -21.04 -5.45
C HIS A 75 2.18 -20.18 -6.38
N GLU A 76 2.34 -18.90 -6.13
CA GLU A 76 3.10 -18.08 -7.07
C GLU A 76 4.60 -18.33 -6.93
N ALA A 77 5.03 -18.74 -5.74
CA ALA A 77 6.42 -18.81 -5.41
C ALA A 77 7.07 -19.77 -6.38
N ALA A 78 6.35 -20.82 -6.78
CA ALA A 78 6.98 -21.77 -7.71
C ALA A 78 7.37 -21.11 -9.04
N ALA A 79 6.64 -20.08 -9.44
CA ALA A 79 6.86 -19.45 -10.78
C ALA A 79 8.18 -18.69 -10.74
N TYR A 80 8.58 -18.34 -9.52
CA TYR A 80 9.83 -17.60 -9.33
C TYR A 80 11.01 -18.53 -9.03
N GLY A 81 10.86 -19.84 -9.15
CA GLY A 81 12.00 -20.76 -8.95
C GLY A 81 12.01 -21.48 -7.62
N TRP A 82 11.12 -21.12 -6.68
CA TRP A 82 11.01 -21.91 -5.42
C TRP A 82 10.55 -23.35 -5.68
N ASN A 83 11.15 -24.33 -5.00
CA ASN A 83 10.76 -25.73 -5.18
C ASN A 83 9.60 -26.17 -4.29
N VAL A 84 8.48 -25.42 -4.32
CA VAL A 84 7.30 -25.71 -3.49
C VAL A 84 6.38 -26.78 -4.05
N ASP A 85 5.78 -27.57 -3.18
CA ASP A 85 4.81 -28.58 -3.58
C ASP A 85 3.43 -27.94 -3.85
N ASP A 86 2.68 -28.56 -4.77
CA ASP A 86 1.40 -28.00 -5.27
C ASP A 86 0.13 -28.41 -4.53
N LYS A 87 0.09 -29.64 -4.00
CA LYS A 87 -1.14 -30.14 -3.36
C LYS A 87 -1.32 -29.63 -1.90
N ILE A 88 -1.10 -28.34 -1.64
CA ILE A 88 -1.25 -27.75 -0.27
C ILE A 88 -2.70 -27.45 0.12
N LYS A 89 -2.98 -27.62 1.41
CA LYS A 89 -4.33 -27.60 1.92
C LYS A 89 -4.21 -26.93 3.30
N PRO A 90 -5.20 -26.07 3.63
CA PRO A 90 -5.34 -25.39 4.90
C PRO A 90 -6.07 -26.24 6.00
N ASP A 91 -5.50 -26.30 7.19
CA ASP A 91 -6.25 -26.92 8.26
C ASP A 91 -7.13 -25.82 8.89
N TRP A 92 -8.44 -25.94 8.71
CA TRP A 92 -9.43 -24.96 9.17
C TRP A 92 -9.34 -24.75 10.67
N HIS A 93 -9.30 -25.87 11.40
CA HIS A 93 -9.25 -25.85 12.84
C HIS A 93 -7.96 -25.20 13.36
N LYS A 94 -6.79 -25.46 12.77
CA LYS A 94 -5.56 -24.71 13.16
C LYS A 94 -5.68 -23.21 12.83
N LEU A 95 -6.25 -22.90 11.67
CA LEU A 95 -6.55 -21.49 11.29
C LEU A 95 -7.42 -20.83 12.36
N VAL A 96 -8.58 -21.38 12.62
CA VAL A 96 -9.47 -20.86 13.66
C VAL A 96 -8.77 -20.72 15.07
N GLN A 97 -7.99 -21.72 15.48
CA GLN A 97 -7.27 -21.63 16.75
C GLN A 97 -6.32 -20.44 16.80
N SER A 98 -5.54 -20.24 15.73
CA SER A 98 -4.65 -19.09 15.56
C SER A 98 -5.35 -17.76 15.71
N VAL A 99 -6.42 -17.60 14.95
CA VAL A 99 -7.21 -16.41 14.98
C VAL A 99 -7.83 -16.16 16.36
N GLN A 100 -8.46 -17.19 16.95
CA GLN A 100 -9.06 -17.03 18.28
C GLN A 100 -7.96 -16.80 19.36
N ASN A 101 -6.83 -17.50 19.29
CA ASN A 101 -5.67 -17.18 20.16
C ASN A 101 -5.33 -15.67 20.10
N HIS A 102 -5.26 -15.09 18.90
CA HIS A 102 -5.03 -13.64 18.79
C HIS A 102 -6.10 -12.80 19.46
N ILE A 103 -7.35 -13.12 19.19
CA ILE A 103 -8.45 -12.31 19.69
C ILE A 103 -8.41 -12.38 21.24
N LYS A 104 -8.18 -13.55 21.80
CA LYS A 104 -8.26 -13.61 23.28
C LYS A 104 -7.06 -12.87 23.93
N SER A 105 -5.89 -12.83 23.26
CA SER A 105 -4.81 -12.01 23.72
C SER A 105 -5.21 -10.57 23.73
N VAL A 106 -5.94 -10.16 22.71
CA VAL A 106 -6.44 -8.79 22.62
C VAL A 106 -7.51 -8.51 23.69
N ASN A 107 -8.38 -9.47 23.93
CA ASN A 107 -9.45 -9.24 24.92
C ASN A 107 -8.79 -8.93 26.29
N TRP A 108 -7.82 -9.76 26.68
CA TRP A 108 -7.08 -9.52 27.91
C TRP A 108 -6.37 -8.14 27.99
N VAL A 109 -5.56 -7.81 27.00
CA VAL A 109 -4.88 -6.53 26.96
C VAL A 109 -5.88 -5.37 27.16
N THR A 110 -7.00 -5.47 26.49
CA THR A 110 -8.02 -4.41 26.49
C THR A 110 -8.62 -4.25 27.90
N ARG A 111 -8.96 -5.39 28.50
CA ARG A 111 -9.46 -5.49 29.86
C ARG A 111 -8.51 -4.88 30.92
N VAL A 112 -7.22 -5.17 30.78
CA VAL A 112 -6.19 -4.66 31.64
C VAL A 112 -6.01 -3.14 31.41
N ASP A 113 -6.09 -2.74 30.16
CA ASP A 113 -5.90 -1.36 29.78
C ASP A 113 -6.98 -0.44 30.40
N LEU A 114 -8.24 -0.92 30.40
CA LEU A 114 -9.37 -0.24 31.00
C LEU A 114 -9.16 -0.01 32.52
N ARG A 115 -8.84 -1.08 33.25
CA ARG A 115 -8.55 -1.05 34.67
C ARG A 115 -7.35 -0.10 34.90
N ASP A 116 -6.31 -0.21 34.08
CA ASP A 116 -5.15 0.68 34.22
C ASP A 116 -5.50 2.15 34.03
N LYS A 117 -6.36 2.45 33.03
CA LYS A 117 -6.90 3.80 32.76
C LYS A 117 -8.02 4.19 33.71
N LYS A 118 -8.36 3.28 34.62
CA LYS A 118 -9.39 3.55 35.64
C LYS A 118 -10.77 3.71 34.98
N VAL A 119 -10.99 3.07 33.84
CA VAL A 119 -12.38 3.04 33.31
C VAL A 119 -13.04 1.88 34.03
N GLU A 120 -14.16 2.18 34.69
CA GLU A 120 -14.94 1.18 35.39
C GLU A 120 -15.75 0.39 34.41
N TYR A 121 -15.37 -0.85 34.23
CA TYR A 121 -15.99 -1.73 33.23
C TYR A 121 -17.02 -2.59 33.93
N ILE A 122 -18.26 -2.48 33.49
CA ILE A 122 -19.32 -3.31 34.06
C ILE A 122 -19.74 -4.27 32.98
N ASN A 123 -19.68 -5.56 33.33
CA ASN A 123 -20.14 -6.63 32.46
C ASN A 123 -21.62 -6.92 32.63
N GLY A 124 -22.46 -6.01 32.15
CA GLY A 124 -23.91 -6.18 32.20
C GLY A 124 -24.65 -5.47 31.09
N LEU A 125 -25.95 -5.76 31.01
CA LEU A 125 -26.84 -5.22 29.97
C LEU A 125 -27.57 -3.99 30.52
N GLY A 126 -27.35 -2.83 29.91
CA GLY A 126 -27.96 -1.58 30.37
C GLY A 126 -29.23 -1.20 29.60
N SER A 127 -30.23 -0.73 30.34
CA SER A 127 -31.50 -0.26 29.77
C SER A 127 -31.92 0.99 30.51
N PHE A 128 -32.54 1.94 29.83
CA PHE A 128 -32.93 3.17 30.52
C PHE A 128 -34.10 3.04 31.44
N VAL A 129 -33.96 3.58 32.65
CA VAL A 129 -35.12 3.83 33.55
C VAL A 129 -35.69 5.24 33.24
N ASP A 130 -34.81 6.24 33.09
CA ASP A 130 -35.24 7.56 32.61
C ASP A 130 -34.03 8.21 32.02
N SER A 131 -34.22 9.36 31.39
CA SER A 131 -33.12 10.04 30.70
C SER A 131 -31.82 10.27 31.52
N HIS A 132 -31.87 10.12 32.85
CA HIS A 132 -30.69 10.17 33.73
C HIS A 132 -30.42 8.85 34.54
N THR A 133 -31.26 7.84 34.34
CA THR A 133 -31.13 6.58 35.13
C THR A 133 -31.06 5.32 34.29
N LEU A 134 -30.10 4.47 34.65
CA LEU A 134 -29.85 3.18 33.94
C LEU A 134 -29.81 1.98 34.90
N LEU A 135 -30.54 0.92 34.54
CA LEU A 135 -30.46 -0.37 35.21
C LEU A 135 -29.46 -1.22 34.43
N ALA A 136 -28.42 -1.68 35.11
CA ALA A 136 -27.45 -2.66 34.62
C ALA A 136 -27.86 -4.06 35.10
N LYS A 137 -28.03 -5.00 34.20
CA LYS A 137 -28.25 -6.35 34.65
C LYS A 137 -26.95 -7.13 34.55
N LEU A 138 -26.47 -7.54 35.71
CA LEU A 138 -25.19 -8.24 35.88
C LEU A 138 -25.35 -9.74 35.79
N LYS A 139 -24.24 -10.48 35.68
CA LYS A 139 -24.34 -11.93 35.61
C LYS A 139 -25.34 -12.43 36.69
N SER A 140 -25.18 -12.04 37.95
CA SER A 140 -26.28 -12.23 38.89
C SER A 140 -26.56 -10.98 39.77
N GLY A 141 -27.58 -10.22 39.38
CA GLY A 141 -27.98 -9.07 40.12
C GLY A 141 -28.08 -7.88 39.22
N GLU A 142 -28.21 -6.71 39.82
CA GLU A 142 -28.52 -5.52 39.10
C GLU A 142 -27.96 -4.34 39.84
N ARG A 143 -27.61 -3.31 39.10
CA ARG A 143 -27.32 -2.03 39.73
C ARG A 143 -28.08 -0.97 39.01
N THR A 144 -28.53 0.01 39.76
CA THR A 144 -29.14 1.18 39.17
C THR A 144 -28.16 2.33 39.33
N ILE A 145 -27.77 2.93 38.22
CA ILE A 145 -26.79 4.02 38.26
C ILE A 145 -27.28 5.27 37.54
N THR A 146 -26.90 6.43 38.07
CA THR A 146 -27.25 7.67 37.39
C THR A 146 -26.03 8.31 36.75
N ALA A 147 -26.28 9.17 35.78
CA ALA A 147 -25.21 10.00 35.24
C ALA A 147 -25.74 11.36 34.80
N GLN A 148 -24.84 12.34 34.79
CA GLN A 148 -25.08 13.56 34.07
C GLN A 148 -25.34 13.19 32.59
N THR A 149 -24.38 12.53 31.92
CA THR A 149 -24.52 12.26 30.47
C THR A 149 -24.42 10.75 30.13
N PHE A 150 -25.16 10.29 29.11
CA PHE A 150 -25.13 8.90 28.60
C PHE A 150 -24.67 8.83 27.16
N VAL A 151 -23.65 8.01 26.85
CA VAL A 151 -23.32 7.77 25.46
C VAL A 151 -23.82 6.38 25.06
N ILE A 152 -24.72 6.31 24.08
CA ILE A 152 -25.20 5.01 23.62
C ILE A 152 -24.27 4.47 22.49
N ALA A 153 -23.54 3.38 22.76
CA ALA A 153 -22.65 2.82 21.78
C ALA A 153 -22.85 1.30 21.60
N VAL A 154 -24.08 0.88 21.42
CA VAL A 154 -24.46 -0.51 21.49
C VAL A 154 -24.35 -1.30 20.19
N GLY A 155 -24.13 -0.61 19.07
CA GLY A 155 -23.86 -1.23 17.78
C GLY A 155 -25.04 -2.06 17.33
N GLY A 156 -24.77 -3.10 16.52
CA GLY A 156 -25.87 -3.99 16.05
C GLY A 156 -25.49 -5.46 16.16
N ARG A 157 -26.37 -6.32 15.66
CA ARG A 157 -26.05 -7.75 15.43
C ARG A 157 -26.63 -8.24 14.10
N PRO A 158 -26.07 -9.30 13.52
CA PRO A 158 -26.44 -9.83 12.22
C PRO A 158 -27.90 -10.18 12.12
N ARG A 159 -28.51 -9.90 10.97
CA ARG A 159 -29.92 -10.25 10.74
C ARG A 159 -30.08 -11.65 10.22
N TYR A 160 -31.25 -12.21 10.50
CA TYR A 160 -31.65 -13.52 9.98
C TYR A 160 -32.85 -13.28 9.10
N PRO A 161 -32.91 -14.00 7.95
CA PRO A 161 -34.04 -13.88 7.07
C PRO A 161 -35.26 -14.43 7.82
N ASP A 162 -36.48 -13.98 7.45
CA ASP A 162 -37.73 -14.53 8.05
C ASP A 162 -38.31 -15.69 7.22
N ILE A 163 -37.68 -16.84 7.40
CA ILE A 163 -37.79 -17.94 6.51
C ILE A 163 -37.64 -19.18 7.41
N PRO A 164 -38.25 -20.32 7.04
CA PRO A 164 -38.07 -21.54 7.85
C PRO A 164 -36.67 -22.17 7.73
N GLY A 165 -36.12 -22.57 8.88
CA GLY A 165 -34.77 -23.10 9.02
C GLY A 165 -33.67 -22.05 9.26
N ALA A 166 -34.03 -20.77 9.11
CA ALA A 166 -33.07 -19.65 9.19
C ALA A 166 -32.15 -19.73 10.38
N VAL A 167 -32.73 -19.54 11.57
CA VAL A 167 -31.93 -19.61 12.79
C VAL A 167 -31.48 -21.03 13.19
N GLU A 168 -32.33 -22.04 13.08
CA GLU A 168 -31.83 -23.38 13.45
C GLU A 168 -30.65 -23.85 12.58
N TYR A 169 -30.64 -23.52 11.29
CA TYR A 169 -29.70 -24.17 10.38
C TYR A 169 -28.63 -23.22 9.78
N GLY A 170 -28.87 -21.92 9.79
CA GLY A 170 -27.89 -21.00 9.24
C GLY A 170 -26.98 -20.47 10.33
N ILE A 171 -25.90 -19.81 9.91
CA ILE A 171 -24.97 -19.12 10.80
C ILE A 171 -24.81 -17.69 10.30
N THR A 172 -24.06 -16.89 11.04
CA THR A 172 -23.73 -15.55 10.60
C THR A 172 -22.22 -15.33 10.82
N SER A 173 -21.75 -14.10 10.59
CA SER A 173 -20.37 -13.84 10.71
C SER A 173 -19.96 -13.98 12.19
N ASP A 174 -20.93 -13.93 13.10
CA ASP A 174 -20.66 -14.11 14.53
C ASP A 174 -20.12 -15.53 14.84
N ASP A 175 -20.64 -16.53 14.13
CA ASP A 175 -20.28 -17.93 14.26
C ASP A 175 -19.10 -18.30 13.42
N LEU A 176 -19.04 -17.79 12.18
CA LEU A 176 -18.08 -18.16 11.19
C LEU A 176 -16.63 -18.14 11.70
N PHE A 177 -16.22 -17.07 12.36
CA PHE A 177 -14.80 -17.02 12.73
C PHE A 177 -14.34 -17.92 13.86
N SER A 178 -15.26 -18.63 14.51
CA SER A 178 -14.83 -19.71 15.42
C SER A 178 -15.53 -21.01 15.08
N LEU A 179 -15.99 -21.23 13.82
CA LEU A 179 -16.86 -22.39 13.53
C LEU A 179 -16.17 -23.64 13.94
N ASP A 180 -16.80 -24.45 14.79
CA ASP A 180 -16.26 -25.78 15.20
C ASP A 180 -16.10 -26.74 14.00
N ARG A 181 -17.12 -26.76 13.16
CA ARG A 181 -17.12 -27.58 11.96
C ARG A 181 -16.46 -26.80 10.77
N GLU A 182 -15.94 -27.54 9.79
CA GLU A 182 -15.42 -26.96 8.56
C GLU A 182 -16.59 -26.41 7.80
N PRO A 183 -16.39 -25.25 7.15
CA PRO A 183 -17.46 -24.66 6.36
C PRO A 183 -17.97 -25.60 5.26
N GLY A 184 -17.05 -26.20 4.49
CA GLY A 184 -17.44 -27.12 3.43
C GLY A 184 -18.05 -26.32 2.29
N LYS A 185 -18.88 -26.96 1.45
CA LYS A 185 -19.69 -26.23 0.46
C LYS A 185 -20.65 -25.23 1.14
N THR A 186 -20.48 -23.95 0.85
CA THR A 186 -21.19 -22.91 1.62
C THR A 186 -22.00 -21.93 0.80
N LEU A 187 -23.19 -21.61 1.28
CA LEU A 187 -23.98 -20.65 0.60
C LEU A 187 -23.89 -19.34 1.35
N VAL A 188 -23.50 -18.28 0.64
CA VAL A 188 -23.30 -16.99 1.29
C VAL A 188 -24.42 -16.13 0.75
N VAL A 189 -25.41 -15.86 1.62
CA VAL A 189 -26.55 -15.02 1.28
C VAL A 189 -26.25 -13.55 1.61
N GLY A 190 -25.97 -12.73 0.59
CA GLY A 190 -25.72 -11.28 0.77
C GLY A 190 -24.42 -10.89 0.07
N ALA A 191 -24.44 -9.76 -0.64
CA ALA A 191 -23.34 -9.34 -1.52
C ALA A 191 -22.88 -7.89 -1.18
N GLY A 192 -23.04 -7.56 0.13
CA GLY A 192 -22.40 -6.43 0.75
C GLY A 192 -20.99 -6.84 1.04
N TYR A 193 -20.17 -5.97 1.61
CA TYR A 193 -18.76 -6.34 1.76
C TYR A 193 -18.51 -7.58 2.62
N ILE A 194 -19.38 -7.80 3.60
CA ILE A 194 -19.27 -8.96 4.47
C ILE A 194 -19.45 -10.29 3.76
N GLY A 195 -20.52 -10.42 2.99
CA GLY A 195 -20.71 -11.65 2.21
C GLY A 195 -19.59 -11.92 1.21
N LEU A 196 -19.22 -10.89 0.45
CA LEU A 196 -18.12 -10.98 -0.53
C LEU A 196 -16.77 -11.40 0.05
N GLU A 197 -16.38 -10.77 1.14
CA GLU A 197 -15.10 -11.06 1.82
C GLU A 197 -15.06 -12.49 2.31
N CYS A 198 -16.18 -12.92 2.91
CA CYS A 198 -16.43 -14.29 3.36
C CYS A 198 -16.32 -15.33 2.27
N ALA A 199 -17.12 -15.22 1.23
CA ALA A 199 -17.00 -16.07 0.05
C ALA A 199 -15.56 -16.03 -0.41
N GLY A 200 -14.96 -14.83 -0.57
CA GLY A 200 -13.60 -14.74 -1.06
C GLY A 200 -12.58 -15.61 -0.30
N PHE A 201 -12.53 -15.49 1.02
CA PHE A 201 -11.55 -16.27 1.77
C PHE A 201 -12.02 -17.74 1.95
N LEU A 202 -13.31 -18.02 1.87
CA LEU A 202 -13.71 -19.46 1.76
C LEU A 202 -13.12 -20.15 0.50
N LYS A 203 -13.17 -19.47 -0.65
CA LYS A 203 -12.70 -20.14 -1.90
C LYS A 203 -11.20 -20.32 -1.73
N GLY A 204 -10.56 -19.28 -1.15
CA GLY A 204 -9.12 -19.23 -1.04
C GLY A 204 -8.53 -20.24 -0.07
N LEU A 205 -9.37 -20.70 0.85
CA LEU A 205 -9.06 -21.74 1.84
C LEU A 205 -9.54 -23.13 1.45
N GLY A 206 -9.98 -23.28 0.21
CA GLY A 206 -10.28 -24.61 -0.38
C GLY A 206 -11.73 -25.04 -0.31
N TYR A 207 -12.62 -24.17 0.16
CA TYR A 207 -14.03 -24.51 0.18
C TYR A 207 -14.73 -24.00 -1.05
N GLU A 208 -16.04 -24.21 -1.09
CA GLU A 208 -16.85 -23.94 -2.28
C GLU A 208 -18.01 -23.03 -1.93
N PRO A 209 -17.75 -21.70 -1.86
CA PRO A 209 -18.87 -20.79 -1.64
C PRO A 209 -19.61 -20.51 -2.95
N THR A 210 -20.86 -20.11 -2.80
CA THR A 210 -21.65 -19.52 -3.89
C THR A 210 -22.24 -18.32 -3.22
N VAL A 211 -22.30 -17.19 -3.92
CA VAL A 211 -22.85 -15.93 -3.37
C VAL A 211 -24.23 -15.74 -3.91
N MET A 212 -25.19 -15.53 -3.02
CA MET A 212 -26.57 -15.23 -3.43
C MET A 212 -26.92 -13.76 -3.35
N VAL A 213 -27.33 -13.18 -4.46
CA VAL A 213 -27.60 -11.71 -4.54
C VAL A 213 -29.10 -11.46 -4.82
N ARG A 214 -29.80 -10.86 -3.87
CA ARG A 214 -31.18 -10.39 -4.07
C ARG A 214 -31.41 -9.42 -5.22
N SER A 215 -30.59 -8.37 -5.29
CA SER A 215 -30.66 -7.39 -6.38
C SER A 215 -29.25 -7.03 -6.86
N ILE A 216 -28.57 -6.07 -6.21
CA ILE A 216 -27.23 -5.67 -6.64
C ILE A 216 -26.07 -6.09 -5.72
N VAL A 217 -24.85 -5.93 -6.21
CA VAL A 217 -23.63 -6.22 -5.44
C VAL A 217 -23.18 -4.90 -4.84
N LEU A 218 -22.75 -4.97 -3.57
CA LEU A 218 -22.21 -3.82 -2.87
C LEU A 218 -23.02 -2.56 -3.05
N ARG A 219 -24.31 -2.62 -2.72
CA ARG A 219 -25.18 -1.43 -2.64
C ARG A 219 -24.45 -0.33 -1.84
N GLY A 220 -24.55 0.94 -2.26
CA GLY A 220 -23.89 2.08 -1.67
C GLY A 220 -22.51 2.33 -2.30
N PHE A 221 -21.97 1.32 -3.02
CA PHE A 221 -20.68 1.53 -3.70
C PHE A 221 -20.89 1.80 -5.23
N ASP A 222 -19.92 2.46 -5.84
CA ASP A 222 -19.84 2.62 -7.28
C ASP A 222 -20.10 1.28 -7.95
N GLN A 223 -21.15 1.26 -8.75
CA GLN A 223 -21.66 0.04 -9.37
C GLN A 223 -20.79 -0.55 -10.49
N GLN A 224 -20.07 0.29 -11.23
CA GLN A 224 -19.04 -0.19 -12.15
C GLN A 224 -17.99 -1.00 -11.37
N MET A 225 -17.59 -0.43 -10.23
CA MET A 225 -16.51 -1.02 -9.40
C MET A 225 -17.02 -2.33 -8.80
N ALA A 226 -18.25 -2.28 -8.29
CA ALA A 226 -19.01 -3.46 -7.83
C ALA A 226 -19.00 -4.64 -8.75
N GLU A 227 -19.29 -4.38 -10.03
CA GLU A 227 -19.52 -5.44 -11.00
C GLU A 227 -18.18 -6.00 -11.36
N LEU A 228 -17.19 -5.14 -11.40
CA LEU A 228 -15.81 -5.57 -11.62
C LEU A 228 -15.34 -6.53 -10.46
N VAL A 229 -15.71 -6.24 -9.20
CA VAL A 229 -15.39 -7.09 -8.04
C VAL A 229 -16.06 -8.46 -8.14
N ALA A 230 -17.38 -8.46 -8.41
CA ALA A 230 -18.16 -9.68 -8.69
C ALA A 230 -17.58 -10.52 -9.87
N ALA A 231 -17.24 -9.86 -10.97
CA ALA A 231 -16.73 -10.65 -12.09
C ALA A 231 -15.36 -11.27 -11.73
N SER A 232 -14.53 -10.48 -11.01
CA SER A 232 -13.26 -10.98 -10.51
C SER A 232 -13.45 -12.13 -9.52
N MET A 233 -14.58 -12.19 -8.85
CA MET A 233 -14.80 -13.33 -7.96
C MET A 233 -15.21 -14.61 -8.78
N GLU A 234 -16.16 -14.45 -9.71
CA GLU A 234 -16.44 -15.48 -10.74
C GLU A 234 -15.19 -15.96 -11.51
N GLU A 235 -14.26 -15.06 -11.87
CA GLU A 235 -12.99 -15.45 -12.53
C GLU A 235 -12.25 -16.45 -11.64
N ARG A 236 -12.34 -16.20 -10.31
CA ARG A 236 -11.74 -17.08 -9.29
C ARG A 236 -12.57 -18.37 -8.97
N GLY A 237 -13.59 -18.62 -9.78
CA GLY A 237 -14.39 -19.80 -9.59
C GLY A 237 -15.38 -19.70 -8.45
N ILE A 238 -15.81 -18.49 -8.08
CA ILE A 238 -16.92 -18.31 -7.07
C ILE A 238 -18.22 -18.05 -7.82
N PRO A 239 -19.16 -19.04 -7.89
CA PRO A 239 -20.43 -18.70 -8.62
C PRO A 239 -21.35 -17.74 -7.89
N PHE A 240 -22.15 -17.03 -8.66
CA PHE A 240 -23.13 -16.11 -8.12
C PHE A 240 -24.55 -16.49 -8.56
N LEU A 241 -25.47 -16.32 -7.61
CA LEU A 241 -26.88 -16.58 -7.90
C LEU A 241 -27.52 -15.21 -7.88
N ARG A 242 -27.60 -14.62 -9.07
CA ARG A 242 -28.12 -13.27 -9.23
C ARG A 242 -29.65 -13.23 -9.18
N LYS A 243 -30.19 -12.10 -8.69
CA LYS A 243 -31.63 -11.80 -8.54
C LYS A 243 -32.33 -12.94 -7.90
N THR A 244 -31.83 -13.38 -6.77
CA THR A 244 -32.25 -14.65 -6.17
C THR A 244 -32.32 -14.43 -4.66
N VAL A 245 -33.32 -15.04 -4.04
CA VAL A 245 -33.68 -14.81 -2.67
C VAL A 245 -33.91 -16.24 -2.00
N PRO A 246 -33.45 -16.42 -0.74
CA PRO A 246 -33.71 -17.67 -0.02
C PRO A 246 -35.19 -17.84 0.38
N LEU A 247 -35.68 -19.05 0.19
CA LEU A 247 -37.01 -19.47 0.53
C LEU A 247 -37.13 -20.23 1.87
N SER A 248 -36.23 -21.19 2.08
CA SER A 248 -36.19 -22.05 3.30
C SER A 248 -34.92 -22.92 3.38
N VAL A 249 -34.59 -23.38 4.58
CA VAL A 249 -33.55 -24.38 4.75
C VAL A 249 -33.99 -25.51 5.65
N GLU A 250 -33.71 -26.71 5.20
CA GLU A 250 -34.12 -27.90 5.92
C GLU A 250 -32.87 -28.80 6.05
N LYS A 251 -32.79 -29.58 7.14
CA LYS A 251 -31.71 -30.58 7.27
C LYS A 251 -32.11 -31.94 6.70
N GLN A 252 -31.27 -32.47 5.80
CA GLN A 252 -31.56 -33.76 5.14
C GLN A 252 -31.11 -34.90 6.03
N ASP A 253 -31.56 -36.11 5.74
CA ASP A 253 -31.11 -37.28 6.49
C ASP A 253 -29.60 -37.41 6.60
N ASP A 254 -28.86 -37.05 5.55
CA ASP A 254 -27.40 -37.15 5.57
C ASP A 254 -26.70 -35.92 6.21
N GLY A 255 -27.51 -35.03 6.81
CA GLY A 255 -26.98 -33.91 7.55
C GLY A 255 -26.64 -32.73 6.65
N LYS A 256 -26.80 -32.92 5.33
CA LYS A 256 -26.71 -31.83 4.35
C LYS A 256 -27.91 -30.84 4.47
N LEU A 257 -27.64 -29.60 4.10
CA LEU A 257 -28.61 -28.49 4.20
C LEU A 257 -29.22 -28.29 2.82
N LEU A 258 -30.52 -28.51 2.70
CA LEU A 258 -31.25 -28.30 1.46
C LEU A 258 -31.88 -26.91 1.50
N VAL A 259 -31.50 -26.08 0.56
CA VAL A 259 -31.94 -24.71 0.54
C VAL A 259 -32.77 -24.63 -0.71
N LYS A 260 -34.03 -24.24 -0.53
CA LYS A 260 -34.83 -23.87 -1.68
C LYS A 260 -34.71 -22.36 -1.87
N TYR A 261 -34.63 -21.93 -3.11
CA TYR A 261 -34.45 -20.50 -3.43
C TYR A 261 -35.20 -20.07 -4.70
N LYS A 262 -35.33 -18.75 -4.86
CA LYS A 262 -36.25 -18.17 -5.82
C LYS A 262 -35.64 -16.99 -6.56
N ASN A 263 -35.67 -17.09 -7.89
CA ASN A 263 -35.35 -15.98 -8.75
C ASN A 263 -36.53 -14.99 -8.74
N VAL A 264 -36.19 -13.73 -8.53
CA VAL A 264 -37.15 -12.72 -8.12
C VAL A 264 -37.70 -12.00 -9.33
N GLU A 265 -37.00 -12.18 -10.44
CA GLU A 265 -37.39 -11.66 -11.75
C GLU A 265 -38.27 -12.67 -12.52
N THR A 266 -37.78 -13.90 -12.68
CA THR A 266 -38.43 -14.99 -13.42
C THR A 266 -39.47 -15.76 -12.58
N GLY A 267 -39.24 -15.86 -11.28
CA GLY A 267 -40.12 -16.63 -10.39
C GLY A 267 -39.64 -18.06 -10.28
N GLU A 268 -38.63 -18.41 -11.09
CA GLU A 268 -38.05 -19.75 -11.09
C GLU A 268 -37.62 -20.25 -9.70
N GLU A 269 -38.10 -21.42 -9.32
CA GLU A 269 -37.74 -21.96 -8.02
C GLU A 269 -36.76 -23.11 -8.18
N SER A 270 -35.73 -23.09 -7.34
CA SER A 270 -34.63 -24.02 -7.45
C SER A 270 -34.22 -24.48 -6.05
N GLU A 271 -33.34 -25.48 -6.00
CA GLU A 271 -32.76 -25.95 -4.76
C GLU A 271 -31.35 -26.50 -4.98
N ASP A 272 -30.59 -26.60 -3.88
CA ASP A 272 -29.27 -27.19 -3.85
C ASP A 272 -28.87 -27.57 -2.40
N VAL A 273 -27.90 -28.46 -2.27
CA VAL A 273 -27.45 -28.83 -0.94
C VAL A 273 -26.10 -28.21 -0.63
N TYR A 274 -25.96 -27.75 0.62
CA TYR A 274 -24.76 -27.10 1.10
C TYR A 274 -24.47 -27.69 2.47
N ASP A 275 -23.23 -27.54 2.92
CA ASP A 275 -22.86 -27.94 4.27
C ASP A 275 -23.17 -26.80 5.28
N THR A 276 -23.05 -25.55 4.83
CA THR A 276 -23.13 -24.33 5.64
C THR A 276 -23.95 -23.31 4.89
N VAL A 277 -24.80 -22.61 5.61
CA VAL A 277 -25.55 -21.49 5.06
C VAL A 277 -25.21 -20.26 5.90
N LEU A 278 -24.52 -19.30 5.29
CA LEU A 278 -24.14 -18.07 5.95
C LEU A 278 -25.09 -16.95 5.52
N TRP A 279 -25.77 -16.33 6.48
CA TRP A 279 -26.56 -15.15 6.20
C TRP A 279 -25.67 -13.97 6.37
N ALA A 280 -25.54 -13.17 5.31
CA ALA A 280 -24.82 -11.90 5.46
C ALA A 280 -25.70 -10.82 4.86
N ILE A 281 -26.88 -10.66 5.46
CA ILE A 281 -27.96 -9.87 4.86
C ILE A 281 -28.18 -8.56 5.63
N GLY A 282 -27.17 -8.13 6.39
CA GLY A 282 -27.25 -6.82 7.06
C GLY A 282 -27.20 -7.01 8.59
N ARG A 283 -27.13 -5.89 9.30
CA ARG A 283 -26.94 -5.89 10.75
C ARG A 283 -27.99 -4.90 11.26
N LYS A 284 -28.69 -5.33 12.30
CA LYS A 284 -29.76 -4.52 12.91
C LYS A 284 -29.27 -3.91 14.21
N GLY A 285 -29.43 -2.58 14.34
CA GLY A 285 -29.06 -1.85 15.57
C GLY A 285 -29.73 -2.33 16.85
N LEU A 286 -28.99 -2.37 17.97
CA LEU A 286 -29.54 -2.94 19.24
C LEU A 286 -30.31 -1.94 20.09
N VAL A 287 -31.31 -1.28 19.51
CA VAL A 287 -32.15 -0.32 20.28
C VAL A 287 -33.14 -1.02 21.19
N ASP A 288 -33.59 -2.18 20.76
CA ASP A 288 -34.63 -2.95 21.40
C ASP A 288 -34.45 -3.03 22.97
N ASP A 289 -33.36 -3.62 23.49
CA ASP A 289 -33.17 -3.77 24.97
C ASP A 289 -32.87 -2.49 25.77
N LEU A 290 -32.43 -1.44 25.07
CA LEU A 290 -32.29 -0.11 25.69
C LEU A 290 -33.52 0.49 26.41
N ASN A 291 -34.75 0.11 26.05
CA ASN A 291 -35.99 0.80 26.52
C ASN A 291 -35.91 2.32 26.32
N LEU A 292 -35.51 2.69 25.10
CA LEU A 292 -35.42 4.09 24.70
C LEU A 292 -36.70 4.92 24.99
N PRO A 293 -37.93 4.33 24.88
CA PRO A 293 -39.09 5.22 25.24
C PRO A 293 -39.11 5.64 26.71
N ASN A 294 -38.52 4.85 27.62
CA ASN A 294 -38.39 5.33 29.01
C ASN A 294 -37.56 6.60 29.04
N ALA A 295 -36.64 6.77 28.10
CA ALA A 295 -35.66 7.89 28.12
C ALA A 295 -36.04 9.07 27.20
N GLY A 296 -37.01 8.85 26.30
CA GLY A 296 -37.54 9.93 25.44
C GLY A 296 -36.81 10.04 24.12
N VAL A 297 -35.90 9.11 23.87
CA VAL A 297 -35.00 9.16 22.69
C VAL A 297 -35.74 8.63 21.44
N THR A 298 -35.81 9.44 20.40
CA THR A 298 -36.48 8.98 19.16
C THR A 298 -35.56 8.06 18.31
N VAL A 299 -36.22 7.16 17.60
CA VAL A 299 -35.56 5.99 17.01
C VAL A 299 -36.02 6.04 15.54
N GLN A 300 -35.22 5.51 14.62
CA GLN A 300 -35.61 5.53 13.23
C GLN A 300 -35.41 4.11 12.75
N LYS A 301 -36.49 3.33 12.85
CA LYS A 301 -36.47 1.85 12.80
C LYS A 301 -35.54 1.32 13.88
N ASP A 302 -34.50 0.57 13.47
CA ASP A 302 -33.49 0.03 14.39
C ASP A 302 -32.30 0.94 14.71
N LYS A 303 -32.29 2.18 14.25
CA LYS A 303 -31.13 3.08 14.46
C LYS A 303 -31.52 4.35 15.24
N ILE A 304 -30.54 5.10 15.76
CA ILE A 304 -30.82 6.34 16.46
C ILE A 304 -30.30 7.54 15.67
N PRO A 305 -31.22 8.48 15.29
CA PRO A 305 -30.86 9.77 14.68
C PRO A 305 -30.16 10.72 15.68
N VAL A 306 -29.04 11.30 15.26
CA VAL A 306 -28.28 12.25 16.09
C VAL A 306 -27.92 13.50 15.30
N ASP A 307 -27.67 14.58 16.04
CA ASP A 307 -27.26 15.87 15.47
C ASP A 307 -25.73 15.81 15.28
N SER A 308 -25.14 16.86 14.71
CA SER A 308 -23.73 16.84 14.26
C SER A 308 -22.74 16.83 15.44
N GLN A 309 -23.28 16.72 16.63
CA GLN A 309 -22.56 16.73 17.88
C GLN A 309 -22.83 15.36 18.54
N GLU A 310 -23.39 14.45 17.75
CA GLU A 310 -24.00 13.17 18.20
C GLU A 310 -25.02 13.19 19.35
N ALA A 311 -25.62 14.35 19.58
CA ALA A 311 -26.76 14.46 20.51
C ALA A 311 -28.00 13.76 19.92
N THR A 312 -28.72 12.97 20.72
CA THR A 312 -30.10 12.55 20.35
C THR A 312 -31.02 13.80 20.52
N ASN A 313 -32.35 13.60 20.47
CA ASN A 313 -33.34 14.67 20.72
C ASN A 313 -33.44 14.94 22.23
N VAL A 314 -32.90 14.04 23.05
CA VAL A 314 -32.80 14.28 24.48
C VAL A 314 -31.38 14.80 24.73
N ALA A 315 -31.34 16.04 25.21
CA ALA A 315 -30.13 16.89 25.29
C ALA A 315 -28.87 16.28 25.94
N ASN A 316 -29.07 15.36 26.87
CA ASN A 316 -28.01 14.77 27.69
C ASN A 316 -27.57 13.35 27.22
N ILE A 317 -28.39 12.76 26.34
CA ILE A 317 -28.15 11.44 25.77
C ILE A 317 -27.57 11.52 24.34
N TYR A 318 -26.42 10.88 24.18
CA TYR A 318 -25.70 10.86 22.90
C TYR A 318 -25.65 9.42 22.37
N ALA A 319 -25.48 9.26 21.05
CA ALA A 319 -25.22 7.93 20.46
C ALA A 319 -24.11 8.05 19.44
N VAL A 320 -23.31 6.98 19.33
CA VAL A 320 -22.11 7.02 18.49
C VAL A 320 -21.87 5.59 17.96
N GLY A 321 -21.18 5.50 16.81
CA GLY A 321 -20.85 4.25 16.14
C GLY A 321 -22.00 3.66 15.33
N ASP A 322 -21.99 2.33 15.13
CA ASP A 322 -23.03 1.63 14.34
C ASP A 322 -24.55 1.88 14.64
N ILE A 323 -24.98 2.14 15.90
CA ILE A 323 -26.47 2.30 16.16
C ILE A 323 -27.03 3.58 15.57
N ILE A 324 -26.16 4.49 15.19
CA ILE A 324 -26.49 5.79 14.63
C ILE A 324 -27.02 5.71 13.18
N TYR A 325 -28.06 6.50 12.87
CA TYR A 325 -28.70 6.45 11.57
C TYR A 325 -27.90 7.17 10.47
N GLY A 326 -27.63 6.43 9.40
CA GLY A 326 -27.16 6.99 8.15
C GLY A 326 -25.71 7.44 8.05
N LYS A 327 -24.84 6.92 8.88
CA LYS A 327 -23.39 7.30 8.86
C LYS A 327 -22.53 6.06 8.55
N PRO A 328 -21.27 6.23 8.05
CA PRO A 328 -20.41 5.06 7.74
C PRO A 328 -20.30 4.13 8.92
N GLU A 329 -20.62 2.86 8.76
CA GLU A 329 -20.53 1.90 9.88
C GLU A 329 -19.16 1.23 9.84
N LEU A 330 -18.16 1.89 10.43
CA LEU A 330 -16.79 1.43 10.31
C LEU A 330 -16.10 1.66 11.62
N THR A 331 -15.04 0.89 11.90
CA THR A 331 -14.37 0.98 13.18
C THR A 331 -13.65 2.32 13.44
N PRO A 332 -12.83 2.81 12.50
CA PRO A 332 -12.11 4.06 12.82
C PRO A 332 -13.02 5.26 12.96
N VAL A 333 -14.19 5.16 12.32
CA VAL A 333 -15.23 6.17 12.38
C VAL A 333 -15.82 6.13 13.79
N ALA A 334 -16.25 4.97 14.28
CA ALA A 334 -16.72 4.80 15.65
C ALA A 334 -15.69 5.34 16.67
N VAL A 335 -14.43 4.94 16.52
CA VAL A 335 -13.37 5.30 17.47
C VAL A 335 -13.22 6.80 17.57
N LEU A 336 -13.01 7.44 16.41
CA LEU A 336 -12.77 8.85 16.33
C LEU A 336 -13.97 9.63 16.71
N ALA A 337 -15.17 9.20 16.31
CA ALA A 337 -16.36 9.94 16.81
C ALA A 337 -16.50 9.75 18.32
N GLY A 338 -16.19 8.55 18.81
CA GLY A 338 -16.30 8.32 20.25
C GLY A 338 -15.39 9.25 21.05
N ARG A 339 -14.13 9.33 20.63
CA ARG A 339 -13.14 10.13 21.32
C ARG A 339 -13.43 11.64 21.27
N LEU A 340 -13.77 12.14 20.07
CA LEU A 340 -14.01 13.55 19.88
C LEU A 340 -15.18 13.92 20.76
N LEU A 341 -16.15 13.01 20.89
CA LEU A 341 -17.32 13.28 21.68
C LEU A 341 -16.93 13.45 23.13
N ALA A 342 -16.08 12.57 23.68
CA ALA A 342 -15.58 12.75 25.05
C ALA A 342 -14.82 14.10 25.20
N ARG A 343 -14.04 14.48 24.18
CA ARG A 343 -13.22 15.69 24.22
C ARG A 343 -14.02 16.98 24.23
N ARG A 344 -15.17 17.00 23.55
CA ARG A 344 -16.03 18.19 23.60
C ARG A 344 -16.73 18.26 24.97
N LEU A 345 -17.01 17.09 25.54
CA LEU A 345 -17.73 17.03 26.80
C LEU A 345 -16.84 17.49 27.94
N TYR A 346 -15.56 17.11 27.93
CA TYR A 346 -14.68 17.23 29.10
C TYR A 346 -13.31 17.88 28.86
N GLY A 347 -12.90 18.03 27.61
CA GLY A 347 -11.57 18.56 27.31
C GLY A 347 -11.66 19.93 26.69
N GLY A 348 -12.88 20.49 26.71
CA GLY A 348 -13.20 21.82 26.22
C GLY A 348 -13.00 22.01 24.72
N SER A 349 -13.04 20.90 23.98
CA SER A 349 -12.91 20.93 22.52
C SER A 349 -14.24 21.31 21.82
N THR A 350 -14.16 21.92 20.65
CA THR A 350 -15.35 22.06 19.81
C THR A 350 -15.22 21.25 18.49
N GLN A 351 -14.26 20.32 18.42
CA GLN A 351 -14.09 19.58 17.15
C GLN A 351 -15.18 18.51 17.04
N ARG A 352 -16.00 18.68 15.99
CA ARG A 352 -17.04 17.75 15.62
C ARG A 352 -16.45 16.71 14.69
N MET A 353 -17.04 15.53 14.67
CA MET A 353 -16.62 14.46 13.77
C MET A 353 -16.89 14.80 12.30
N ASP A 354 -15.91 14.55 11.43
CA ASP A 354 -16.11 14.72 10.00
C ASP A 354 -16.39 13.37 9.36
N TYR A 355 -17.63 13.20 8.88
CA TYR A 355 -18.06 11.95 8.21
C TYR A 355 -17.95 11.95 6.69
N LYS A 356 -17.47 13.03 6.08
CA LYS A 356 -17.37 13.03 4.60
C LYS A 356 -16.07 12.40 4.18
N ASP A 357 -16.01 11.87 2.97
CA ASP A 357 -14.77 11.27 2.40
C ASP A 357 -14.08 10.28 3.36
N VAL A 358 -14.88 9.40 3.96
CA VAL A 358 -14.33 8.31 4.70
C VAL A 358 -13.82 7.19 3.77
N ALA A 359 -12.54 6.82 3.86
CA ALA A 359 -12.06 5.77 2.99
C ALA A 359 -12.53 4.44 3.53
N THR A 360 -12.72 3.50 2.61
CA THR A 360 -12.99 2.12 2.98
C THR A 360 -12.30 1.12 2.03
N THR A 361 -12.16 -0.12 2.50
CA THR A 361 -11.65 -1.26 1.73
C THR A 361 -12.54 -2.48 1.91
N VAL A 362 -12.91 -3.10 0.77
CA VAL A 362 -13.56 -4.42 0.69
C VAL A 362 -12.41 -5.42 0.45
N PHE A 363 -12.19 -6.32 1.41
CA PHE A 363 -11.08 -7.23 1.36
C PHE A 363 -11.48 -8.52 0.65
N THR A 364 -11.93 -8.34 -0.59
CA THR A 364 -12.19 -9.43 -1.57
C THR A 364 -10.83 -9.98 -2.09
N PRO A 365 -10.84 -11.17 -2.76
CA PRO A 365 -9.54 -11.77 -3.17
C PRO A 365 -8.67 -10.74 -3.88
N LEU A 366 -9.24 -10.05 -4.84
CA LEU A 366 -8.67 -8.79 -5.36
C LEU A 366 -9.50 -7.71 -4.62
N GLU A 367 -8.79 -6.87 -3.86
CA GLU A 367 -9.38 -5.97 -2.89
C GLU A 367 -9.85 -4.74 -3.64
N TYR A 368 -10.92 -4.14 -3.15
CA TYR A 368 -11.40 -2.86 -3.69
C TYR A 368 -11.41 -1.81 -2.60
N ALA A 369 -10.63 -0.75 -2.77
CA ALA A 369 -10.64 0.41 -1.88
C ALA A 369 -11.13 1.66 -2.61
N CYS A 370 -11.85 2.53 -1.90
CA CYS A 370 -12.31 3.76 -2.51
C CYS A 370 -12.46 4.79 -1.38
N VAL A 371 -12.43 6.06 -1.79
CA VAL A 371 -12.68 7.23 -0.94
C VAL A 371 -13.41 8.27 -1.79
N GLY A 372 -14.33 9.02 -1.19
CA GLY A 372 -15.10 10.01 -1.94
C GLY A 372 -16.27 9.45 -2.73
N LEU A 373 -16.70 10.17 -3.78
CA LEU A 373 -17.93 9.85 -4.48
C LEU A 373 -17.74 8.71 -5.45
N SER A 374 -18.76 7.89 -5.59
CA SER A 374 -18.84 7.04 -6.74
C SER A 374 -19.05 7.93 -7.99
N GLU A 375 -18.78 7.33 -9.14
CA GLU A 375 -19.02 8.01 -10.40
C GLU A 375 -20.48 8.49 -10.52
N GLU A 376 -21.46 7.63 -10.25
CA GLU A 376 -22.89 7.98 -10.40
C GLU A 376 -23.36 9.09 -9.43
N ASP A 377 -22.85 9.10 -8.20
CA ASP A 377 -23.18 10.14 -7.26
C ASP A 377 -22.65 11.47 -7.72
N ALA A 378 -21.42 11.52 -8.21
CA ALA A 378 -20.88 12.78 -8.70
C ALA A 378 -21.69 13.32 -9.87
N VAL A 379 -22.17 12.41 -10.75
CA VAL A 379 -22.93 12.76 -11.94
C VAL A 379 -24.32 13.27 -11.55
N LYS A 380 -24.95 12.61 -10.60
CA LYS A 380 -26.22 13.02 -10.05
C LYS A 380 -26.06 14.40 -9.35
N GLN A 381 -24.93 14.59 -8.69
CA GLN A 381 -24.77 15.79 -7.87
C GLN A 381 -24.49 17.01 -8.74
N PHE A 382 -23.58 16.90 -9.71
CA PHE A 382 -23.07 18.06 -10.43
C PHE A 382 -23.47 18.14 -11.92
N GLY A 383 -23.94 17.03 -12.50
CA GLY A 383 -24.18 16.93 -13.94
C GLY A 383 -23.04 16.25 -14.69
N ALA A 384 -23.40 15.29 -15.55
CA ALA A 384 -22.43 14.55 -16.40
C ALA A 384 -21.41 15.48 -17.02
N ASP A 385 -21.87 16.66 -17.45
CA ASP A 385 -21.02 17.57 -18.24
C ASP A 385 -20.05 18.43 -17.40
N GLU A 386 -20.17 18.37 -16.08
CA GLU A 386 -19.29 19.06 -15.14
C GLU A 386 -18.34 18.08 -14.38
N ILE A 387 -18.33 16.84 -14.86
CA ILE A 387 -17.54 15.75 -14.29
C ILE A 387 -16.54 15.18 -15.31
N GLU A 388 -15.35 14.88 -14.81
CA GLU A 388 -14.39 14.16 -15.60
C GLU A 388 -14.03 12.83 -14.92
N VAL A 389 -13.96 11.76 -15.69
CA VAL A 389 -13.48 10.52 -15.12
C VAL A 389 -12.19 10.07 -15.82
N PHE A 390 -11.07 10.08 -15.09
CA PHE A 390 -9.79 9.51 -15.62
C PHE A 390 -9.71 8.00 -15.22
N HIS A 391 -9.38 7.11 -16.15
CA HIS A 391 -9.40 5.66 -15.84
C HIS A 391 -8.29 4.85 -16.55
N GLY A 392 -8.01 3.68 -16.00
CA GLY A 392 -7.14 2.75 -16.74
C GLY A 392 -7.03 1.40 -16.06
N TYR A 393 -6.66 0.41 -16.84
CA TYR A 393 -6.23 -0.87 -16.37
C TYR A 393 -4.72 -0.85 -16.24
N TYR A 394 -4.17 -1.66 -15.34
CA TYR A 394 -2.72 -1.59 -15.09
C TYR A 394 -2.29 -2.98 -14.82
N LYS A 395 -0.97 -3.18 -14.75
CA LYS A 395 -0.42 -4.49 -14.47
C LYS A 395 0.56 -4.39 -13.36
N PRO A 396 0.28 -5.06 -12.21
CA PRO A 396 1.20 -5.15 -11.13
C PRO A 396 2.48 -5.84 -11.59
N THR A 397 3.59 -5.31 -11.17
CA THR A 397 4.86 -5.88 -11.50
C THR A 397 4.88 -7.37 -11.06
N GLU A 398 4.28 -7.63 -9.91
CA GLU A 398 4.27 -8.90 -9.22
C GLU A 398 3.39 -9.95 -9.96
N PHE A 399 2.57 -9.47 -10.93
CA PHE A 399 1.64 -10.40 -11.69
C PHE A 399 2.21 -11.08 -12.91
N PHE A 400 3.24 -10.48 -13.54
CA PHE A 400 3.84 -11.01 -14.77
C PHE A 400 4.47 -12.41 -14.66
N ILE A 401 5.41 -12.65 -13.73
CA ILE A 401 6.06 -13.94 -13.69
C ILE A 401 5.11 -15.12 -13.38
N PRO A 402 4.21 -15.00 -12.38
CA PRO A 402 3.22 -16.04 -12.23
C PRO A 402 2.07 -15.97 -13.23
N GLN A 403 2.08 -14.95 -14.09
CA GLN A 403 1.01 -14.81 -15.11
C GLN A 403 -0.37 -14.71 -14.53
N LYS A 404 -0.52 -13.84 -13.55
CA LYS A 404 -1.81 -13.69 -12.86
C LYS A 404 -2.65 -12.76 -13.71
N SER A 405 -3.94 -13.03 -13.77
CA SER A 405 -4.82 -12.22 -14.60
C SER A 405 -4.77 -10.77 -14.15
N VAL A 406 -4.67 -9.85 -15.12
CA VAL A 406 -4.80 -8.41 -14.83
C VAL A 406 -6.12 -7.85 -15.35
N ARG A 407 -7.06 -8.77 -15.60
CA ARG A 407 -8.34 -8.39 -16.22
C ARG A 407 -9.14 -7.38 -15.39
N TYR A 408 -8.94 -7.42 -14.10
CA TYR A 408 -9.76 -6.63 -13.18
C TYR A 408 -8.91 -5.67 -12.39
N CYS A 409 -7.66 -5.48 -12.82
CA CYS A 409 -6.79 -4.46 -12.25
C CYS A 409 -7.11 -3.13 -12.87
N TYR A 410 -8.03 -2.40 -12.26
CA TYR A 410 -8.60 -1.16 -12.81
C TYR A 410 -8.71 -0.10 -11.72
N LEU A 411 -8.41 1.16 -12.05
CA LEU A 411 -8.62 2.28 -11.11
C LEU A 411 -9.19 3.51 -11.88
N LYS A 412 -9.81 4.45 -11.16
CA LYS A 412 -10.39 5.64 -11.76
C LYS A 412 -10.41 6.80 -10.75
N ALA A 413 -10.21 8.01 -11.25
CA ALA A 413 -10.38 9.22 -10.44
C ALA A 413 -11.61 9.97 -11.01
N VAL A 414 -12.56 10.22 -10.15
CA VAL A 414 -13.72 11.00 -10.46
C VAL A 414 -13.46 12.49 -10.04
N ALA A 415 -13.57 13.43 -10.98
CA ALA A 415 -13.15 14.80 -10.66
C ALA A 415 -14.02 15.87 -11.27
N GLU A 416 -13.91 17.09 -10.76
CA GLU A 416 -14.52 18.29 -11.32
C GLU A 416 -13.88 18.50 -12.70
N ARG A 417 -14.70 18.77 -13.70
CA ARG A 417 -14.22 18.82 -15.08
C ARG A 417 -13.40 20.07 -15.37
N HIS A 418 -13.83 21.24 -14.87
CA HIS A 418 -13.12 22.53 -15.05
C HIS A 418 -12.66 23.14 -13.74
N GLY A 419 -12.45 24.48 -13.72
CA GLY A 419 -11.98 25.16 -12.52
C GLY A 419 -10.71 24.52 -12.00
N ASP A 420 -10.70 24.27 -10.69
CA ASP A 420 -9.60 23.63 -10.00
C ASP A 420 -9.47 22.11 -10.29
N GLN A 421 -10.41 21.55 -11.05
CA GLN A 421 -10.46 20.12 -11.30
C GLN A 421 -10.18 19.37 -9.97
N ARG A 422 -10.94 19.75 -8.95
CA ARG A 422 -11.07 19.03 -7.70
C ARG A 422 -11.39 17.54 -7.84
N VAL A 423 -10.61 16.70 -7.18
CA VAL A 423 -10.89 15.28 -7.13
C VAL A 423 -12.05 14.98 -6.18
N TYR A 424 -13.10 14.29 -6.66
CA TYR A 424 -14.30 13.95 -5.84
C TYR A 424 -14.25 12.51 -5.22
N GLY A 425 -13.60 11.57 -5.93
CA GLY A 425 -13.65 10.15 -5.60
C GLY A 425 -12.54 9.39 -6.28
N LEU A 426 -11.98 8.39 -5.57
CA LEU A 426 -10.92 7.56 -6.11
C LEU A 426 -11.29 6.13 -5.83
N HIS A 427 -11.06 5.25 -6.80
CA HIS A 427 -11.48 3.83 -6.77
C HIS A 427 -10.39 2.95 -7.36
N TYR A 428 -10.09 1.85 -6.69
CA TYR A 428 -9.05 0.99 -7.13
C TYR A 428 -9.36 -0.48 -6.80
N ILE A 429 -9.23 -1.33 -7.80
CA ILE A 429 -9.21 -2.75 -7.56
C ILE A 429 -7.81 -3.28 -7.81
N GLY A 430 -7.33 -4.07 -6.85
CA GLY A 430 -6.04 -4.65 -7.01
C GLY A 430 -5.40 -5.03 -5.71
N PRO A 431 -4.10 -5.39 -5.75
CA PRO A 431 -3.39 -5.71 -4.49
C PRO A 431 -3.25 -4.55 -3.54
N VAL A 432 -3.41 -4.87 -2.25
CA VAL A 432 -3.25 -3.97 -1.12
C VAL A 432 -4.00 -2.68 -1.31
N ALA A 433 -5.30 -2.80 -1.60
CA ALA A 433 -6.11 -1.66 -1.95
C ALA A 433 -6.12 -0.55 -0.88
N GLY A 434 -6.29 -0.97 0.35
CA GLY A 434 -6.34 -0.08 1.51
C GLY A 434 -5.03 0.60 1.79
N GLU A 435 -3.91 -0.14 1.66
CA GLU A 435 -2.56 0.46 1.77
C GLU A 435 -2.40 1.57 0.72
N VAL A 436 -2.87 1.28 -0.50
CA VAL A 436 -2.79 2.28 -1.60
C VAL A 436 -3.67 3.51 -1.34
N ILE A 437 -4.95 3.28 -1.03
CA ILE A 437 -5.91 4.35 -0.90
C ILE A 437 -5.72 5.26 0.34
N GLN A 438 -5.19 4.74 1.46
CA GLN A 438 -5.12 5.55 2.73
C GLN A 438 -4.51 6.97 2.58
N GLY A 439 -3.35 7.04 1.93
CA GLY A 439 -2.66 8.33 1.75
C GLY A 439 -3.41 9.25 0.81
N PHE A 440 -4.12 8.66 -0.16
CA PHE A 440 -4.95 9.38 -1.09
C PHE A 440 -6.23 9.94 -0.42
N ALA A 441 -6.76 9.21 0.57
CA ALA A 441 -7.80 9.81 1.39
C ALA A 441 -7.25 11.05 2.11
N ALA A 442 -6.02 11.00 2.63
CA ALA A 442 -5.47 12.18 3.31
C ALA A 442 -5.32 13.36 2.33
N ALA A 443 -4.95 13.05 1.08
CA ALA A 443 -4.80 14.02 0.00
C ALA A 443 -6.12 14.66 -0.32
N LEU A 444 -7.20 13.88 -0.35
CA LEU A 444 -8.53 14.39 -0.69
C LEU A 444 -8.97 15.36 0.41
N LYS A 445 -8.62 15.07 1.66
CA LYS A 445 -8.89 15.97 2.74
C LYS A 445 -8.09 17.27 2.67
N SER A 446 -6.90 17.24 2.06
CA SER A 446 -6.11 18.44 1.84
C SER A 446 -6.43 19.15 0.53
N GLY A 447 -7.56 18.80 -0.10
CA GLY A 447 -8.03 19.41 -1.35
C GLY A 447 -7.41 18.89 -2.65
N LEU A 448 -6.89 17.65 -2.69
CA LEU A 448 -6.26 17.11 -3.95
C LEU A 448 -6.98 17.57 -5.21
N THR A 449 -6.23 18.07 -6.19
CA THR A 449 -6.79 18.34 -7.50
C THR A 449 -6.17 17.37 -8.51
N ILE A 450 -6.72 17.39 -9.74
CA ILE A 450 -6.23 16.51 -10.78
C ILE A 450 -4.78 16.90 -11.14
N ASN A 451 -4.53 18.21 -11.21
CA ASN A 451 -3.20 18.71 -11.51
C ASN A 451 -2.12 18.26 -10.55
N THR A 452 -2.42 18.27 -9.24
CA THR A 452 -1.49 17.75 -8.23
C THR A 452 -1.35 16.26 -8.37
N LEU A 453 -2.47 15.58 -8.58
CA LEU A 453 -2.47 14.12 -8.59
C LEU A 453 -1.47 13.67 -9.67
N ILE A 454 -1.58 14.30 -10.83
CA ILE A 454 -0.96 13.86 -12.04
C ILE A 454 0.48 14.37 -12.13
N ASN A 455 0.78 15.29 -11.25
CA ASN A 455 2.13 15.78 -11.14
C ASN A 455 2.82 15.36 -9.87
N THR A 456 2.19 14.43 -9.12
CA THR A 456 2.90 13.75 -8.05
C THR A 456 3.78 12.65 -8.68
N VAL A 457 5.08 12.74 -8.47
CA VAL A 457 6.00 11.80 -9.01
C VAL A 457 5.69 10.39 -8.40
N GLY A 458 5.56 9.43 -9.30
CA GLY A 458 5.39 8.07 -8.94
C GLY A 458 6.57 7.49 -8.18
N ILE A 459 6.26 6.52 -7.32
CA ILE A 459 7.27 5.62 -6.73
C ILE A 459 7.20 4.38 -7.61
N HIS A 460 8.36 4.00 -8.13
CA HIS A 460 8.43 2.99 -9.16
C HIS A 460 9.31 1.91 -8.64
N PRO A 461 8.87 0.63 -8.77
CA PRO A 461 7.61 0.05 -9.25
C PRO A 461 6.65 -0.28 -8.15
N THR A 462 5.47 0.30 -8.25
CA THR A 462 4.39 0.10 -7.28
C THR A 462 3.05 0.04 -8.11
N THR A 463 1.96 -0.44 -7.52
CA THR A 463 0.65 -0.21 -8.14
C THR A 463 0.01 1.14 -7.71
N ALA A 464 0.38 1.63 -6.51
CA ALA A 464 -0.08 2.97 -6.09
C ALA A 464 0.25 4.04 -7.09
N GLU A 465 1.42 3.92 -7.75
CA GLU A 465 1.86 4.94 -8.74
C GLU A 465 0.90 5.00 -9.94
N GLU A 466 0.08 3.99 -10.12
CA GLU A 466 -0.93 4.02 -11.19
C GLU A 466 -1.93 5.19 -11.06
N PHE A 467 -2.23 5.63 -9.83
CA PHE A 467 -3.10 6.79 -9.64
C PHE A 467 -2.45 8.06 -10.22
N THR A 468 -1.11 8.16 -10.13
CA THR A 468 -0.43 9.39 -10.56
C THR A 468 -0.25 9.37 -12.10
N ARG A 469 -0.47 8.19 -12.75
CA ARG A 469 -0.22 7.89 -14.18
C ARG A 469 -1.51 8.05 -15.00
N LEU A 470 -2.61 8.21 -14.27
CA LEU A 470 -3.92 8.40 -14.87
C LEU A 470 -3.94 9.52 -15.88
N ALA A 471 -4.56 9.28 -17.06
CA ALA A 471 -4.53 10.22 -18.23
C ALA A 471 -5.75 10.05 -19.17
N ILE A 472 -6.25 8.83 -19.31
CA ILE A 472 -7.35 8.57 -20.24
C ILE A 472 -8.69 8.92 -19.60
N THR A 473 -9.47 9.78 -20.22
CA THR A 473 -10.80 10.16 -19.67
C THR A 473 -11.90 9.26 -20.29
N LYS A 474 -12.98 8.99 -19.58
CA LYS A 474 -14.10 8.24 -20.18
C LYS A 474 -14.71 9.04 -21.34
N ARG A 475 -14.61 10.38 -21.24
CA ARG A 475 -15.20 11.27 -22.24
C ARG A 475 -14.44 11.17 -23.60
N SER A 476 -13.12 11.04 -23.54
CA SER A 476 -12.31 10.88 -24.73
C SER A 476 -12.78 9.67 -25.50
N GLY A 477 -13.26 8.63 -24.80
CA GLY A 477 -13.70 7.39 -25.44
C GLY A 477 -12.52 6.47 -25.79
N LEU A 478 -11.31 6.86 -25.38
CA LEU A 478 -10.10 6.13 -25.74
C LEU A 478 -9.97 4.92 -24.81
N ASP A 479 -9.50 3.80 -25.36
CA ASP A 479 -9.21 2.54 -24.64
C ASP A 479 -8.33 2.79 -23.43
N PRO A 480 -8.83 2.41 -22.21
CA PRO A 480 -8.14 2.56 -20.95
C PRO A 480 -7.04 1.46 -20.71
N THR A 481 -6.87 0.53 -21.66
CA THR A 481 -5.81 -0.47 -21.58
C THR A 481 -4.57 -0.02 -22.42
N PRO A 482 -3.63 0.75 -21.80
CA PRO A 482 -2.21 0.93 -22.26
C PRO A 482 -1.53 -0.21 -23.09
N GLN B 1 10.06 24.90 -38.74
CA GLN B 1 10.67 23.69 -39.37
C GLN B 1 11.30 24.08 -40.72
N GLY B 2 12.58 23.76 -40.88
CA GLY B 2 13.36 24.11 -42.06
C GLY B 2 14.57 23.20 -42.23
N SER B 3 15.66 23.53 -41.54
CA SER B 3 17.01 23.17 -42.04
C SER B 3 17.68 21.81 -41.67
N TYR B 4 17.27 21.18 -40.58
CA TYR B 4 18.06 20.07 -40.07
C TYR B 4 17.45 18.70 -40.43
N ASP B 5 18.19 17.62 -40.26
CA ASP B 5 17.51 16.34 -40.54
C ASP B 5 16.33 16.13 -39.56
N TYR B 6 16.47 16.58 -38.31
CA TYR B 6 15.41 16.39 -37.32
C TYR B 6 15.12 17.66 -36.58
N ASP B 7 13.87 17.79 -36.17
CA ASP B 7 13.50 18.74 -35.13
C ASP B 7 14.32 18.40 -33.93
N LEU B 8 14.34 17.11 -33.57
CA LEU B 8 14.89 16.67 -32.26
C LEU B 8 15.70 15.39 -32.41
N ILE B 9 16.91 15.39 -31.86
CA ILE B 9 17.65 14.13 -31.59
C ILE B 9 17.82 13.98 -30.11
N VAL B 10 17.37 12.82 -29.59
CA VAL B 10 17.52 12.41 -28.20
C VAL B 10 18.62 11.33 -28.12
N ILE B 11 19.61 11.61 -27.27
CA ILE B 11 20.77 10.75 -27.11
C ILE B 11 20.63 9.95 -25.82
N GLY B 12 20.30 8.65 -25.92
CA GLY B 12 19.89 7.89 -24.78
C GLY B 12 18.46 7.37 -24.98
N GLY B 13 18.34 6.03 -24.96
CA GLY B 13 17.03 5.35 -25.09
C GLY B 13 16.50 4.72 -23.80
N GLY B 14 16.63 5.42 -22.68
CA GLY B 14 16.19 4.93 -21.37
C GLY B 14 14.94 5.69 -20.96
N SER B 15 14.69 5.73 -19.65
CA SER B 15 13.49 6.38 -19.04
C SER B 15 13.22 7.80 -19.52
N ALA B 16 14.23 8.67 -19.44
CA ALA B 16 14.10 10.09 -19.88
C ALA B 16 14.06 10.20 -21.39
N GLY B 17 15.00 9.51 -22.05
CA GLY B 17 15.09 9.66 -23.51
C GLY B 17 13.81 9.20 -24.25
N LEU B 18 13.26 8.07 -23.85
CA LEU B 18 12.11 7.53 -24.51
C LEU B 18 10.86 8.32 -24.23
N ALA B 19 10.69 8.78 -23.00
CA ALA B 19 9.56 9.62 -22.63
C ALA B 19 9.61 10.97 -23.37
N CYS B 20 10.82 11.49 -23.55
CA CYS B 20 11.03 12.74 -24.29
C CYS B 20 10.69 12.53 -25.78
N ALA B 21 11.37 11.54 -26.37
CA ALA B 21 11.12 11.15 -27.78
C ALA B 21 9.62 10.96 -28.08
N LYS B 22 8.90 10.19 -27.26
CA LYS B 22 7.49 9.85 -27.49
C LYS B 22 6.54 11.07 -27.43
N GLU B 23 6.65 11.83 -26.35
CA GLU B 23 5.92 13.06 -26.23
C GLU B 23 6.24 14.05 -27.38
N ALA B 24 7.51 14.13 -27.77
CA ALA B 24 7.91 15.06 -28.88
C ALA B 24 7.16 14.73 -30.19
N VAL B 25 7.21 13.46 -30.63
CA VAL B 25 6.46 13.01 -31.78
C VAL B 25 4.94 13.23 -31.59
N LEU B 26 4.39 13.02 -30.40
CA LEU B 26 2.97 13.30 -30.15
C LEU B 26 2.61 14.76 -30.51
N ASN B 27 3.56 15.66 -30.24
CA ASN B 27 3.36 17.06 -30.54
C ASN B 27 3.88 17.50 -31.92
N GLY B 28 4.06 16.54 -32.84
CA GLY B 28 4.39 16.84 -34.24
C GLY B 28 5.88 16.98 -34.61
N ALA B 29 6.83 16.76 -33.69
CA ALA B 29 8.27 16.91 -34.05
C ALA B 29 8.76 15.71 -34.88
N ARG B 30 9.73 15.97 -35.73
CA ARG B 30 10.39 14.87 -36.41
C ARG B 30 11.52 14.42 -35.47
N VAL B 31 11.45 13.18 -34.97
CA VAL B 31 12.48 12.79 -34.04
C VAL B 31 13.27 11.51 -34.31
N ALA B 32 14.57 11.54 -33.96
CA ALA B 32 15.33 10.30 -33.80
C ALA B 32 15.78 10.13 -32.35
N CYS B 33 15.94 8.88 -31.90
CA CYS B 33 16.41 8.67 -30.56
C CYS B 33 17.46 7.61 -30.66
N LEU B 34 18.66 7.92 -30.15
CA LEU B 34 19.78 6.97 -30.21
C LEU B 34 19.85 6.16 -28.92
N ASP B 35 20.06 4.86 -29.03
CA ASP B 35 20.44 4.09 -27.89
C ASP B 35 21.54 3.04 -28.16
N PHE B 36 22.48 2.92 -27.26
CA PHE B 36 23.49 1.92 -27.43
C PHE B 36 23.83 1.41 -26.02
N VAL B 37 24.05 0.11 -25.88
CA VAL B 37 24.40 -0.40 -24.58
C VAL B 37 25.79 -0.99 -24.65
N LYS B 38 26.73 -0.31 -23.98
CA LYS B 38 28.09 -0.85 -23.88
C LYS B 38 28.16 -2.11 -22.98
N PRO B 39 28.69 -3.24 -23.51
CA PRO B 39 28.74 -4.49 -22.69
C PRO B 39 29.61 -4.33 -21.44
N THR B 40 29.27 -5.00 -20.33
CA THR B 40 30.07 -4.89 -19.13
C THR B 40 31.53 -5.39 -19.38
N PRO B 41 32.52 -4.82 -18.71
CA PRO B 41 33.91 -5.15 -19.19
C PRO B 41 34.12 -6.52 -18.55
N THR B 42 34.97 -7.40 -19.00
CA THR B 42 34.82 -8.79 -18.38
C THR B 42 33.38 -9.30 -18.44
N LEU B 43 33.13 -10.58 -18.59
CA LEU B 43 31.68 -10.95 -18.57
C LEU B 43 30.86 -10.47 -19.76
N GLY B 44 30.92 -9.19 -20.12
CA GLY B 44 30.29 -8.71 -21.35
C GLY B 44 28.76 -8.76 -21.41
N THR B 45 28.12 -8.56 -20.26
CA THR B 45 26.63 -8.47 -20.21
C THR B 45 26.18 -7.26 -21.02
N LYS B 46 25.08 -7.41 -21.75
CA LYS B 46 24.51 -6.31 -22.52
C LYS B 46 23.02 -6.66 -22.70
N TRP B 47 22.23 -5.75 -23.20
CA TRP B 47 20.76 -5.94 -23.17
C TRP B 47 20.11 -5.00 -24.15
N GLY B 48 18.78 -4.97 -24.12
CA GLY B 48 18.05 -4.36 -25.21
C GLY B 48 17.69 -2.93 -24.84
N VAL B 49 16.82 -2.32 -25.67
CA VAL B 49 16.31 -0.98 -25.48
C VAL B 49 15.49 -0.79 -24.20
N GLY B 50 15.38 0.47 -23.75
CA GLY B 50 14.55 0.83 -22.60
C GLY B 50 15.38 1.30 -21.42
N GLY B 51 16.71 1.15 -21.51
CA GLY B 51 17.56 1.73 -20.48
C GLY B 51 17.70 0.89 -19.24
N THR B 52 18.13 1.56 -18.20
CA THR B 52 18.54 0.92 -16.91
C THR B 52 17.39 0.34 -16.08
N CYS B 53 16.28 1.07 -16.00
CA CYS B 53 15.14 0.67 -15.21
C CYS B 53 14.64 -0.74 -15.59
N VAL B 54 14.38 -0.89 -16.86
CA VAL B 54 13.82 -2.04 -17.47
C VAL B 54 14.80 -3.18 -17.39
N ASN B 55 16.05 -2.93 -17.73
CA ASN B 55 17.03 -4.00 -18.03
C ASN B 55 17.91 -4.36 -16.82
N VAL B 56 18.40 -3.36 -16.09
CA VAL B 56 19.36 -3.61 -15.00
C VAL B 56 19.06 -2.81 -13.69
N GLY B 57 17.82 -2.39 -13.52
CA GLY B 57 17.47 -1.48 -12.47
C GLY B 57 16.19 -1.87 -11.76
N CYS B 58 15.23 -0.93 -11.75
CA CYS B 58 13.98 -1.03 -10.96
C CYS B 58 13.35 -2.39 -11.15
N ILE B 59 13.19 -2.83 -12.38
CA ILE B 59 12.33 -3.95 -12.71
C ILE B 59 12.94 -5.26 -12.25
N PRO B 60 14.15 -5.62 -12.75
CA PRO B 60 14.66 -6.92 -12.16
C PRO B 60 14.83 -6.91 -10.65
N LYS B 61 15.23 -5.77 -10.09
CA LYS B 61 15.39 -5.63 -8.67
C LYS B 61 14.09 -5.89 -7.96
N LYS B 62 12.99 -5.31 -8.45
CA LYS B 62 11.67 -5.55 -7.85
C LYS B 62 11.23 -7.01 -7.93
N LEU B 63 11.52 -7.66 -9.07
CA LEU B 63 11.20 -9.08 -9.26
C LEU B 63 11.93 -10.07 -8.33
N MET B 64 13.21 -9.81 -8.11
CA MET B 64 14.00 -10.63 -7.21
C MET B 64 13.67 -10.34 -5.75
N HIS B 65 13.34 -9.07 -5.44
CA HIS B 65 12.75 -8.75 -4.14
C HIS B 65 11.44 -9.52 -3.92
N GLN B 66 10.52 -9.48 -4.88
CA GLN B 66 9.31 -10.32 -4.83
C GLN B 66 9.62 -11.81 -4.62
N ALA B 67 10.64 -12.36 -5.32
CA ALA B 67 10.98 -13.79 -5.11
C ALA B 67 11.35 -14.09 -3.65
N SER B 68 12.15 -13.20 -3.08
CA SER B 68 12.54 -13.27 -1.68
C SER B 68 11.34 -13.12 -0.75
N LEU B 69 10.53 -12.10 -0.93
CA LEU B 69 9.24 -12.04 -0.18
C LEU B 69 8.34 -13.28 -0.27
N LEU B 70 8.25 -13.88 -1.45
CA LEU B 70 7.38 -15.10 -1.62
C LEU B 70 7.94 -16.27 -0.82
N GLY B 71 9.27 -16.32 -0.74
CA GLY B 71 9.95 -17.31 0.13
C GLY B 71 9.46 -17.14 1.56
N GLU B 72 9.43 -15.90 2.08
CA GLU B 72 8.92 -15.64 3.44
C GLU B 72 7.44 -15.95 3.52
N ALA B 73 6.70 -15.68 2.46
CA ALA B 73 5.27 -15.99 2.56
C ALA B 73 5.07 -17.46 2.73
N VAL B 74 5.94 -18.28 2.13
CA VAL B 74 5.76 -19.69 2.18
C VAL B 74 5.92 -20.14 3.64
N HIS B 75 6.90 -19.54 4.33
CA HIS B 75 7.19 -19.95 5.70
C HIS B 75 6.09 -19.47 6.64
N GLU B 76 5.53 -18.33 6.38
CA GLU B 76 4.42 -17.79 7.17
C GLU B 76 3.15 -18.61 7.03
N ALA B 77 2.92 -19.21 5.87
CA ALA B 77 1.64 -19.84 5.53
C ALA B 77 1.33 -20.93 6.53
N ALA B 78 2.38 -21.63 6.95
CA ALA B 78 2.30 -22.70 7.92
C ALA B 78 1.71 -22.24 9.23
N ALA B 79 2.00 -21.00 9.62
CA ALA B 79 1.53 -20.49 10.95
C ALA B 79 0.03 -20.40 10.93
N TYR B 80 -0.52 -20.28 9.72
CA TYR B 80 -1.97 -20.09 9.51
C TYR B 80 -2.64 -21.44 9.29
N GLY B 81 -1.86 -22.55 9.40
CA GLY B 81 -2.39 -23.82 9.17
C GLY B 81 -2.21 -24.46 7.81
N TRP B 82 -1.50 -23.82 6.88
CA TRP B 82 -1.23 -24.51 5.63
C TRP B 82 -0.15 -25.58 5.83
N ASN B 83 -0.31 -26.70 5.13
CA ASN B 83 0.55 -27.86 5.37
C ASN B 83 1.73 -27.82 4.41
N VAL B 84 2.35 -26.65 4.26
CA VAL B 84 3.49 -26.47 3.41
C VAL B 84 4.74 -27.11 4.05
N ASP B 85 5.65 -27.61 3.23
CA ASP B 85 6.94 -28.14 3.70
C ASP B 85 7.96 -27.02 4.01
N ASP B 86 8.75 -27.19 5.07
CA ASP B 86 9.73 -26.16 5.49
C ASP B 86 10.95 -26.03 4.57
N LYS B 87 11.58 -27.17 4.20
CA LYS B 87 12.79 -27.17 3.37
C LYS B 87 12.43 -26.84 1.93
N ILE B 88 12.45 -25.54 1.63
CA ILE B 88 12.32 -24.98 0.29
C ILE B 88 13.56 -24.12 -0.01
N LYS B 89 13.96 -24.17 -1.26
CA LYS B 89 15.15 -23.48 -1.71
C LYS B 89 14.78 -22.91 -3.07
N PRO B 90 15.31 -21.71 -3.38
CA PRO B 90 15.00 -21.20 -4.68
C PRO B 90 16.04 -21.68 -5.70
N ASP B 91 15.63 -21.78 -6.94
CA ASP B 91 16.59 -22.10 -8.02
C ASP B 91 16.96 -20.76 -8.70
N TRP B 92 18.19 -20.27 -8.47
CA TRP B 92 18.74 -19.03 -9.06
C TRP B 92 18.66 -18.96 -10.61
N HIS B 93 19.04 -20.07 -11.24
CA HIS B 93 18.99 -20.17 -12.69
C HIS B 93 17.55 -20.01 -13.16
N LYS B 94 16.59 -20.65 -12.49
CA LYS B 94 15.17 -20.50 -12.85
C LYS B 94 14.67 -19.10 -12.60
N LEU B 95 15.08 -18.49 -11.50
CA LEU B 95 14.66 -17.10 -11.21
C LEU B 95 15.24 -16.14 -12.27
N VAL B 96 16.57 -16.18 -12.48
CA VAL B 96 17.18 -15.32 -13.53
C VAL B 96 16.43 -15.52 -14.86
N GLN B 97 16.12 -16.77 -15.20
CA GLN B 97 15.43 -17.04 -16.47
C GLN B 97 14.06 -16.36 -16.58
N SER B 98 13.23 -16.46 -15.53
CA SER B 98 11.91 -15.75 -15.51
C SER B 98 12.01 -14.24 -15.52
N VAL B 99 13.00 -13.69 -14.82
CA VAL B 99 13.23 -12.25 -14.82
C VAL B 99 13.67 -11.78 -16.25
N GLN B 100 14.67 -12.45 -16.83
CA GLN B 100 15.17 -12.09 -18.17
C GLN B 100 14.10 -12.28 -19.24
N ASN B 101 13.32 -13.35 -19.10
CA ASN B 101 12.18 -13.60 -19.94
C ASN B 101 11.20 -12.41 -19.90
N HIS B 102 10.85 -11.87 -18.73
CA HIS B 102 10.01 -10.64 -18.68
C HIS B 102 10.68 -9.44 -19.35
N ILE B 103 11.94 -9.22 -19.03
CA ILE B 103 12.68 -8.05 -19.58
C ILE B 103 12.80 -8.16 -21.13
N LYS B 104 13.06 -9.36 -21.68
CA LYS B 104 13.07 -9.47 -23.15
C LYS B 104 11.71 -9.23 -23.77
N SER B 105 10.62 -9.68 -23.15
CA SER B 105 9.29 -9.28 -23.66
C SER B 105 9.09 -7.76 -23.69
N VAL B 106 9.56 -7.06 -22.65
CA VAL B 106 9.34 -5.62 -22.55
C VAL B 106 10.26 -4.92 -23.56
N ASN B 107 11.50 -5.39 -23.72
CA ASN B 107 12.39 -4.80 -24.75
C ASN B 107 11.67 -4.78 -26.12
N TRP B 108 11.07 -5.91 -26.47
CA TRP B 108 10.44 -6.05 -27.77
C TRP B 108 9.19 -5.14 -27.88
N VAL B 109 8.30 -5.14 -26.89
CA VAL B 109 7.13 -4.26 -26.94
C VAL B 109 7.55 -2.79 -27.00
N THR B 110 8.63 -2.44 -26.33
CA THR B 110 9.16 -1.09 -26.39
C THR B 110 9.66 -0.71 -27.77
N ARG B 111 10.38 -1.63 -28.42
CA ARG B 111 10.85 -1.42 -29.78
C ARG B 111 9.64 -1.23 -30.75
N VAL B 112 8.67 -2.13 -30.64
CA VAL B 112 7.47 -2.06 -31.46
C VAL B 112 6.78 -0.70 -31.24
N ASP B 113 6.67 -0.27 -30.01
CA ASP B 113 5.95 0.92 -29.73
C ASP B 113 6.70 2.12 -30.35
N LEU B 114 8.03 2.11 -30.34
CA LEU B 114 8.77 3.25 -30.89
C LEU B 114 8.51 3.38 -32.39
N ARG B 115 8.64 2.25 -33.09
CA ARG B 115 8.26 2.23 -34.48
C ARG B 115 6.77 2.69 -34.69
N ASP B 116 5.82 2.11 -33.96
CA ASP B 116 4.40 2.47 -34.09
C ASP B 116 4.13 3.98 -33.93
N LYS B 117 4.83 4.59 -32.98
CA LYS B 117 4.73 6.02 -32.69
C LYS B 117 5.62 6.93 -33.53
N LYS B 118 6.35 6.32 -34.48
CA LYS B 118 7.26 6.99 -35.43
C LYS B 118 8.49 7.67 -34.80
N VAL B 119 8.92 7.21 -33.65
CA VAL B 119 10.20 7.72 -33.15
C VAL B 119 11.24 6.87 -33.88
N GLU B 120 12.23 7.49 -34.50
CA GLU B 120 13.16 6.71 -35.30
C GLU B 120 14.26 6.18 -34.38
N TYR B 121 14.26 4.89 -34.13
CA TYR B 121 15.18 4.39 -33.14
C TYR B 121 16.48 4.01 -33.86
N ILE B 122 17.59 4.53 -33.37
CA ILE B 122 18.90 4.28 -33.98
C ILE B 122 19.81 3.59 -32.96
N ASN B 123 20.18 2.37 -33.30
CA ASN B 123 20.99 1.64 -32.35
C ASN B 123 22.48 1.91 -32.57
N GLY B 124 22.96 3.02 -32.01
CA GLY B 124 24.26 3.59 -32.34
C GLY B 124 24.64 4.57 -31.24
N LEU B 125 25.95 4.81 -31.10
CA LEU B 125 26.51 5.62 -30.06
C LEU B 125 26.71 7.00 -30.61
N GLY B 126 26.07 7.97 -29.98
CA GLY B 126 26.10 9.35 -30.41
C GLY B 126 27.20 10.10 -29.69
N SER B 127 27.92 10.90 -30.49
CA SER B 127 28.85 11.92 -30.01
C SER B 127 28.69 13.21 -30.84
N PHE B 128 28.91 14.37 -30.23
CA PHE B 128 28.70 15.65 -30.91
C PHE B 128 29.82 15.96 -31.88
N VAL B 129 29.44 16.54 -33.03
CA VAL B 129 30.41 17.08 -34.02
C VAL B 129 30.38 18.56 -33.82
N ASP B 130 29.18 19.14 -33.77
CA ASP B 130 29.01 20.50 -33.21
C ASP B 130 27.66 20.60 -32.53
N SER B 131 27.30 21.82 -32.15
CA SER B 131 26.09 21.99 -31.35
C SER B 131 24.79 21.68 -32.13
N HIS B 132 24.92 21.42 -33.44
CA HIS B 132 23.77 21.01 -34.24
C HIS B 132 23.93 19.66 -34.96
N THR B 133 25.13 19.07 -34.83
CA THR B 133 25.52 17.85 -35.55
C THR B 133 26.00 16.80 -34.57
N LEU B 134 25.59 15.54 -34.82
CA LEU B 134 25.94 14.36 -34.07
C LEU B 134 26.46 13.25 -35.01
N LEU B 135 27.53 12.59 -34.59
CA LEU B 135 27.98 11.38 -35.26
C LEU B 135 27.39 10.19 -34.53
N ALA B 136 26.81 9.27 -35.31
CA ALA B 136 26.22 8.05 -34.78
C ALA B 136 27.10 6.88 -35.22
N LYS B 137 27.67 6.17 -34.26
CA LYS B 137 28.42 4.95 -34.61
C LYS B 137 27.52 3.70 -34.49
N LEU B 138 27.21 3.09 -35.64
CA LEU B 138 26.40 1.88 -35.66
C LEU B 138 27.27 0.63 -35.76
N LYS B 139 26.68 -0.53 -35.58
CA LYS B 139 27.39 -1.79 -35.77
C LYS B 139 28.01 -1.84 -37.17
N SER B 140 27.24 -1.36 -38.15
CA SER B 140 27.66 -1.22 -39.53
C SER B 140 28.65 -0.05 -39.75
N GLY B 141 28.14 1.13 -40.11
CA GLY B 141 29.05 2.22 -40.38
C GLY B 141 28.73 3.32 -39.41
N GLU B 142 28.66 4.52 -39.93
CA GLU B 142 28.49 5.71 -39.11
C GLU B 142 27.47 6.58 -39.81
N ARG B 143 26.70 7.33 -39.07
CA ARG B 143 25.82 8.19 -39.81
C ARG B 143 26.16 9.67 -39.81
N THR B 144 26.04 10.44 -38.76
CA THR B 144 26.16 11.95 -38.98
C THR B 144 24.83 12.66 -39.37
N ILE B 145 24.12 13.10 -38.36
CA ILE B 145 22.80 13.69 -38.52
C ILE B 145 22.75 15.05 -37.76
N THR B 146 21.82 15.91 -38.15
CA THR B 146 21.75 17.31 -37.65
C THR B 146 20.37 17.48 -37.10
N ALA B 147 20.20 18.33 -36.09
CA ALA B 147 18.84 18.66 -35.63
C ALA B 147 18.85 20.06 -35.08
N GLN B 148 17.66 20.63 -34.95
CA GLN B 148 17.50 21.94 -34.36
C GLN B 148 17.83 21.79 -32.89
N THR B 149 17.34 20.70 -32.30
CA THR B 149 17.49 20.55 -30.84
C THR B 149 17.94 19.19 -30.37
N PHE B 150 18.86 19.18 -29.40
CA PHE B 150 19.37 17.94 -28.79
C PHE B 150 18.90 17.78 -27.33
N VAL B 151 18.51 16.56 -26.93
CA VAL B 151 18.25 16.21 -25.54
C VAL B 151 19.18 15.08 -25.14
N ILE B 152 20.02 15.34 -24.15
CA ILE B 152 21.03 14.37 -23.71
C ILE B 152 20.39 13.69 -22.56
N ALA B 153 20.25 12.34 -22.62
CA ALA B 153 19.55 11.53 -21.61
C ALA B 153 20.32 10.21 -21.49
N VAL B 154 21.64 10.34 -21.38
CA VAL B 154 22.52 9.16 -21.45
C VAL B 154 22.73 8.40 -20.14
N GLY B 155 22.20 8.93 -19.04
CA GLY B 155 22.43 8.33 -17.73
C GLY B 155 23.87 7.99 -17.36
N GLY B 156 24.03 6.85 -16.65
CA GLY B 156 25.28 6.51 -15.97
C GLY B 156 25.53 5.01 -16.08
N ARG B 157 26.65 4.57 -15.55
CA ARG B 157 26.97 3.14 -15.44
C ARG B 157 27.68 2.95 -14.11
N PRO B 158 27.58 1.73 -13.52
CA PRO B 158 28.24 1.59 -12.25
C PRO B 158 29.80 1.85 -12.25
N ARG B 159 30.29 2.31 -11.08
CA ARG B 159 31.68 2.63 -10.88
C ARG B 159 32.34 1.41 -10.32
N TYR B 160 33.64 1.31 -10.59
CA TYR B 160 34.49 0.29 -10.09
C TYR B 160 35.50 0.98 -9.19
N PRO B 161 35.84 0.38 -8.04
CA PRO B 161 36.93 0.99 -7.28
C PRO B 161 38.27 0.88 -8.07
N ASP B 162 39.16 1.87 -7.89
CA ASP B 162 40.48 1.85 -8.51
C ASP B 162 41.47 1.00 -7.67
N ILE B 163 41.35 -0.32 -7.82
CA ILE B 163 41.90 -1.25 -6.86
C ILE B 163 42.26 -2.52 -7.62
N PRO B 164 43.44 -3.12 -7.37
CA PRO B 164 43.77 -4.41 -8.06
C PRO B 164 42.69 -5.51 -8.06
N GLY B 165 42.45 -6.11 -9.21
CA GLY B 165 41.42 -7.14 -9.36
C GLY B 165 39.98 -6.65 -9.63
N ALA B 166 39.72 -5.34 -9.46
CA ALA B 166 38.32 -4.84 -9.40
C ALA B 166 37.55 -5.19 -10.63
N VAL B 167 38.10 -4.88 -11.81
CA VAL B 167 37.34 -5.16 -13.02
C VAL B 167 37.46 -6.62 -13.43
N GLU B 168 38.62 -7.23 -13.25
CA GLU B 168 38.77 -8.67 -13.58
C GLU B 168 37.88 -9.59 -12.73
N TYR B 169 37.79 -9.35 -11.42
CA TYR B 169 37.06 -10.27 -10.53
C TYR B 169 35.73 -9.77 -9.95
N GLY B 170 35.56 -8.45 -9.86
CA GLY B 170 34.31 -7.90 -9.37
C GLY B 170 33.17 -7.92 -10.39
N ILE B 171 31.94 -7.71 -9.92
CA ILE B 171 30.75 -7.52 -10.81
C ILE B 171 30.00 -6.25 -10.36
N THR B 172 28.93 -5.86 -11.06
CA THR B 172 28.09 -4.76 -10.63
C THR B 172 26.65 -5.17 -10.84
N SER B 173 25.69 -4.31 -10.46
CA SER B 173 24.27 -4.57 -10.68
C SER B 173 23.95 -4.88 -12.15
N ASP B 174 24.83 -4.42 -13.08
CA ASP B 174 24.65 -4.61 -14.54
C ASP B 174 24.77 -6.11 -14.88
N ASP B 175 25.69 -6.83 -14.17
CA ASP B 175 25.88 -8.31 -14.32
C ASP B 175 24.95 -9.16 -13.49
N LEU B 176 24.64 -8.68 -12.28
CA LEU B 176 23.90 -9.44 -11.28
C LEU B 176 22.60 -10.06 -11.76
N PHE B 177 21.78 -9.26 -12.37
CA PHE B 177 20.42 -9.70 -12.67
C PHE B 177 20.30 -10.75 -13.76
N SER B 178 21.43 -11.17 -14.37
CA SER B 178 21.44 -12.28 -15.31
C SER B 178 22.67 -13.14 -15.00
N LEU B 179 23.16 -13.14 -13.76
CA LEU B 179 24.31 -13.96 -13.44
C LEU B 179 24.11 -15.40 -13.84
N ASP B 180 25.02 -15.85 -14.73
CA ASP B 180 25.15 -17.24 -15.16
C ASP B 180 25.46 -18.16 -13.99
N ARG B 181 26.34 -17.72 -13.10
CA ARG B 181 26.67 -18.53 -11.96
C ARG B 181 25.90 -18.03 -10.72
N GLU B 182 25.70 -18.90 -9.73
CA GLU B 182 25.01 -18.54 -8.50
C GLU B 182 25.85 -17.59 -7.69
N PRO B 183 25.21 -16.55 -7.11
CA PRO B 183 26.03 -15.61 -6.34
C PRO B 183 26.96 -16.28 -5.33
N GLY B 184 26.42 -17.22 -4.55
CA GLY B 184 27.07 -17.72 -3.36
C GLY B 184 27.31 -16.66 -2.27
N LYS B 185 28.44 -16.79 -1.60
CA LYS B 185 28.83 -15.86 -0.57
C LYS B 185 29.33 -14.56 -1.23
N THR B 186 28.68 -13.45 -0.89
CA THR B 186 28.87 -12.23 -1.64
C THR B 186 29.14 -11.00 -0.78
N LEU B 187 30.22 -10.31 -1.13
CA LEU B 187 30.55 -9.06 -0.50
C LEU B 187 29.86 -8.00 -1.32
N VAL B 188 29.04 -7.20 -0.67
CA VAL B 188 28.28 -6.15 -1.34
C VAL B 188 28.99 -4.95 -0.83
N VAL B 189 29.79 -4.33 -1.69
CA VAL B 189 30.52 -3.14 -1.30
C VAL B 189 29.68 -1.90 -1.63
N GLY B 190 29.18 -1.25 -0.60
CA GLY B 190 28.36 -0.04 -0.78
C GLY B 190 27.00 -0.19 -0.12
N ALA B 191 26.55 0.87 0.52
CA ALA B 191 25.37 0.79 1.36
C ALA B 191 24.44 1.92 1.02
N GLY B 192 24.38 2.27 -0.26
CA GLY B 192 23.25 3.03 -0.80
C GLY B 192 22.04 2.08 -0.92
N TYR B 193 20.98 2.53 -1.55
CA TYR B 193 19.85 1.63 -1.72
C TYR B 193 20.16 0.42 -2.65
N ILE B 194 21.01 0.62 -3.67
CA ILE B 194 21.32 -0.49 -4.58
C ILE B 194 21.99 -1.64 -3.79
N GLY B 195 23.07 -1.31 -3.06
CA GLY B 195 23.75 -2.31 -2.22
C GLY B 195 22.87 -3.06 -1.20
N LEU B 196 22.11 -2.29 -0.44
CA LEU B 196 21.20 -2.83 0.58
C LEU B 196 20.10 -3.76 -0.02
N GLU B 197 19.45 -3.28 -1.09
CA GLU B 197 18.44 -4.07 -1.80
C GLU B 197 18.98 -5.40 -2.31
N CYS B 198 20.11 -5.33 -3.04
CA CYS B 198 20.81 -6.56 -3.50
C CYS B 198 21.18 -7.48 -2.35
N ALA B 199 21.83 -6.93 -1.32
CA ALA B 199 22.13 -7.71 -0.13
C ALA B 199 20.87 -8.34 0.40
N GLY B 200 19.79 -7.55 0.55
CA GLY B 200 18.51 -8.10 1.05
C GLY B 200 17.94 -9.28 0.28
N PHE B 201 17.83 -9.21 -1.05
CA PHE B 201 17.13 -10.33 -1.75
C PHE B 201 18.07 -11.55 -1.85
N LEU B 202 19.40 -11.31 -1.85
CA LEU B 202 20.37 -12.40 -1.90
C LEU B 202 20.28 -13.23 -0.65
N LYS B 203 20.20 -12.58 0.51
CA LYS B 203 19.95 -13.33 1.75
C LYS B 203 18.63 -14.04 1.67
N GLY B 204 17.61 -13.43 1.09
CA GLY B 204 16.28 -13.99 1.07
C GLY B 204 16.19 -15.18 0.12
N LEU B 205 17.17 -15.30 -0.77
CA LEU B 205 17.16 -16.35 -1.76
C LEU B 205 18.18 -17.42 -1.39
N GLY B 206 18.72 -17.37 -0.16
CA GLY B 206 19.51 -18.46 0.28
C GLY B 206 20.98 -18.19 0.21
N TYR B 207 21.41 -17.00 -0.23
CA TYR B 207 22.83 -16.69 -0.28
C TYR B 207 23.27 -15.96 0.96
N GLU B 208 24.58 -15.78 1.09
CA GLU B 208 25.15 -15.19 2.30
C GLU B 208 25.83 -13.84 2.01
N PRO B 209 25.07 -12.75 1.87
CA PRO B 209 25.71 -11.44 1.69
C PRO B 209 26.36 -10.80 2.94
N THR B 210 27.35 -9.94 2.69
CA THR B 210 27.93 -9.04 3.71
C THR B 210 28.01 -7.67 3.05
N VAL B 211 27.63 -6.62 3.78
CA VAL B 211 27.64 -5.25 3.33
C VAL B 211 28.82 -4.48 3.88
N MET B 212 29.61 -3.94 2.98
CA MET B 212 30.76 -3.22 3.39
C MET B 212 30.39 -1.75 3.28
N VAL B 213 30.65 -0.99 4.36
CA VAL B 213 30.21 0.41 4.45
C VAL B 213 31.44 1.26 4.74
N ARG B 214 31.78 2.13 3.81
CA ARG B 214 32.85 3.12 3.98
C ARG B 214 32.60 4.05 5.17
N SER B 215 31.41 4.63 5.19
CA SER B 215 31.15 5.72 6.12
C SER B 215 29.82 5.43 6.75
N ILE B 216 28.76 5.91 6.11
CA ILE B 216 27.40 5.78 6.60
C ILE B 216 26.54 4.96 5.62
N VAL B 217 25.39 4.50 6.13
CA VAL B 217 24.37 3.74 5.40
C VAL B 217 23.42 4.79 4.89
N LEU B 218 23.02 4.63 3.62
CA LEU B 218 22.03 5.46 3.00
C LEU B 218 22.32 6.94 3.12
N ARG B 219 23.53 7.35 2.74
CA ARG B 219 23.83 8.79 2.65
C ARG B 219 22.72 9.50 1.83
N GLY B 220 22.28 10.67 2.30
CA GLY B 220 21.12 11.38 1.72
C GLY B 220 19.77 11.04 2.35
N PHE B 221 19.70 9.94 3.09
CA PHE B 221 18.45 9.55 3.77
C PHE B 221 18.43 9.93 5.27
N ASP B 222 17.23 10.15 5.83
CA ASP B 222 17.09 10.29 7.28
C ASP B 222 17.86 9.20 8.00
N GLN B 223 18.78 9.63 8.87
CA GLN B 223 19.82 8.79 9.40
C GLN B 223 19.33 7.91 10.51
N GLN B 224 18.31 8.36 11.21
CA GLN B 224 17.65 7.47 12.15
C GLN B 224 17.07 6.30 11.37
N MET B 225 16.43 6.61 10.26
CA MET B 225 15.76 5.54 9.49
C MET B 225 16.81 4.66 8.86
N ALA B 226 17.90 5.23 8.39
CA ALA B 226 19.07 4.47 7.84
C ALA B 226 19.59 3.42 8.81
N GLU B 227 19.75 3.80 10.08
CA GLU B 227 20.21 2.86 11.11
C GLU B 227 19.19 1.78 11.48
N LEU B 228 17.92 2.12 11.47
CA LEU B 228 16.84 1.12 11.65
C LEU B 228 16.80 0.16 10.48
N VAL B 229 17.01 0.66 9.26
CA VAL B 229 17.13 -0.26 8.08
C VAL B 229 18.31 -1.23 8.27
N ALA B 230 19.49 -0.69 8.61
CA ALA B 230 20.69 -1.52 8.77
C ALA B 230 20.46 -2.62 9.80
N ALA B 231 19.88 -2.24 10.94
CA ALA B 231 19.64 -3.13 12.02
C ALA B 231 18.58 -4.19 11.68
N SER B 232 17.55 -3.87 10.88
CA SER B 232 16.55 -4.83 10.47
C SER B 232 17.23 -5.86 9.59
N MET B 233 18.27 -5.44 8.86
CA MET B 233 19.01 -6.40 8.03
C MET B 233 19.96 -7.23 8.81
N GLU B 234 20.62 -6.63 9.82
CA GLU B 234 21.42 -7.43 10.80
C GLU B 234 20.52 -8.46 11.55
N GLU B 235 19.31 -8.06 11.88
CA GLU B 235 18.28 -8.98 12.43
C GLU B 235 18.03 -10.22 11.53
N ARG B 236 18.16 -10.02 10.21
CA ARG B 236 17.95 -11.09 9.26
C ARG B 236 19.21 -11.88 8.94
N GLY B 237 20.28 -11.65 9.67
CA GLY B 237 21.49 -12.40 9.43
C GLY B 237 22.39 -11.75 8.43
N ILE B 238 22.16 -10.48 8.09
CA ILE B 238 23.09 -9.83 7.17
C ILE B 238 24.18 -9.00 7.93
N PRO B 239 25.47 -9.42 7.89
CA PRO B 239 26.52 -8.60 8.49
C PRO B 239 26.97 -7.34 7.72
N PHE B 240 27.42 -6.35 8.47
CA PHE B 240 28.04 -5.15 7.96
C PHE B 240 29.48 -5.04 8.45
N LEU B 241 30.34 -4.75 7.48
CA LEU B 241 31.68 -4.31 7.72
C LEU B 241 31.70 -2.74 7.80
N ARG B 242 31.60 -2.21 9.01
CA ARG B 242 31.60 -0.77 9.21
C ARG B 242 32.97 -0.09 9.04
N LYS B 243 32.90 1.15 8.53
CA LYS B 243 34.04 2.02 8.38
C LYS B 243 35.20 1.27 7.71
N THR B 244 34.80 0.61 6.62
CA THR B 244 35.61 -0.34 5.89
C THR B 244 35.56 -0.11 4.36
N VAL B 245 36.69 -0.41 3.71
CA VAL B 245 37.00 0.00 2.34
C VAL B 245 37.79 -1.16 1.67
N PRO B 246 37.49 -1.48 0.39
CA PRO B 246 38.25 -2.57 -0.28
C PRO B 246 39.69 -2.16 -0.69
N LEU B 247 40.62 -3.10 -0.59
CA LEU B 247 42.03 -2.85 -0.94
C LEU B 247 42.47 -3.56 -2.24
N SER B 248 41.91 -4.75 -2.47
CA SER B 248 42.22 -5.60 -3.64
C SER B 248 41.36 -6.88 -3.64
N VAL B 249 41.36 -7.54 -4.79
CA VAL B 249 40.73 -8.85 -4.94
C VAL B 249 41.60 -9.73 -5.87
N GLU B 250 41.76 -10.99 -5.47
CA GLU B 250 42.50 -11.91 -6.30
C GLU B 250 41.80 -13.24 -6.32
N LYS B 251 42.12 -14.05 -7.32
CA LYS B 251 41.52 -15.37 -7.44
C LYS B 251 42.48 -16.44 -6.93
N GLN B 252 41.99 -17.25 -5.99
CA GLN B 252 42.80 -18.29 -5.40
C GLN B 252 42.75 -19.46 -6.36
N ASP B 253 43.69 -20.42 -6.22
CA ASP B 253 43.69 -21.69 -6.98
C ASP B 253 42.28 -22.32 -7.02
N ASP B 254 41.61 -22.37 -5.86
CA ASP B 254 40.26 -22.98 -5.75
C ASP B 254 39.12 -22.20 -6.35
N GLY B 255 39.43 -21.13 -7.08
CA GLY B 255 38.38 -20.33 -7.71
C GLY B 255 37.71 -19.23 -6.89
N LYS B 256 37.85 -19.26 -5.57
CA LYS B 256 37.25 -18.23 -4.72
C LYS B 256 38.01 -16.89 -4.86
N LEU B 257 37.42 -15.84 -4.32
CA LEU B 257 38.02 -14.50 -4.39
C LEU B 257 38.53 -14.07 -3.00
N LEU B 258 39.83 -13.76 -2.91
CA LEU B 258 40.42 -13.26 -1.67
C LEU B 258 40.29 -11.73 -1.62
N VAL B 259 39.53 -11.20 -0.66
CA VAL B 259 39.39 -9.74 -0.55
C VAL B 259 40.21 -9.17 0.61
N LYS B 260 41.23 -8.38 0.28
CA LYS B 260 41.97 -7.62 1.30
C LYS B 260 41.24 -6.29 1.50
N TYR B 261 40.97 -5.97 2.76
CA TYR B 261 40.28 -4.73 3.15
C TYR B 261 40.78 -4.10 4.46
N LYS B 262 40.43 -2.83 4.66
CA LYS B 262 40.99 -2.01 5.74
C LYS B 262 39.83 -1.27 6.42
N ASN B 263 39.80 -1.29 7.76
CA ASN B 263 38.96 -0.41 8.56
C ASN B 263 39.64 0.96 8.61
N VAL B 264 38.90 2.01 8.29
CA VAL B 264 39.53 3.34 8.06
C VAL B 264 39.58 4.21 9.34
N GLU B 265 38.97 3.69 10.40
CA GLU B 265 38.90 4.32 11.72
C GLU B 265 40.00 3.78 12.63
N THR B 266 40.11 2.45 12.69
CA THR B 266 41.09 1.76 13.53
C THR B 266 42.40 1.45 12.77
N GLY B 267 42.39 1.55 11.45
CA GLY B 267 43.50 1.04 10.62
C GLY B 267 43.63 -0.48 10.44
N GLU B 268 42.69 -1.26 11.01
CA GLU B 268 42.83 -2.71 11.00
C GLU B 268 42.82 -3.24 9.58
N GLU B 269 43.78 -4.12 9.29
CA GLU B 269 43.74 -4.94 8.07
C GLU B 269 43.24 -6.39 8.23
N SER B 270 42.36 -6.76 7.31
CA SER B 270 41.66 -8.04 7.28
C SER B 270 41.53 -8.56 5.85
N GLU B 271 41.26 -9.86 5.75
CA GLU B 271 40.88 -10.48 4.50
C GLU B 271 39.87 -11.59 4.65
N ASP B 272 39.21 -11.89 3.57
CA ASP B 272 38.20 -12.95 3.50
C ASP B 272 37.94 -13.49 2.07
N VAL B 273 37.28 -14.63 2.04
CA VAL B 273 37.04 -15.31 0.81
C VAL B 273 35.55 -15.21 0.52
N TYR B 274 35.24 -14.99 -0.75
CA TYR B 274 33.89 -14.79 -1.29
C TYR B 274 33.83 -15.48 -2.65
N ASP B 275 32.62 -15.83 -3.04
CA ASP B 275 32.37 -16.35 -4.37
C ASP B 275 32.18 -15.19 -5.35
N THR B 276 31.58 -14.09 -4.85
CA THR B 276 31.17 -12.90 -5.62
C THR B 276 31.54 -11.60 -4.87
N VAL B 277 32.02 -10.60 -5.61
CA VAL B 277 32.24 -9.24 -5.07
C VAL B 277 31.39 -8.28 -5.88
N LEU B 278 30.33 -7.78 -5.29
CA LEU B 278 29.45 -6.87 -6.01
C LEU B 278 29.89 -5.43 -5.69
N TRP B 279 30.35 -4.66 -6.67
CA TRP B 279 30.64 -3.28 -6.36
C TRP B 279 29.36 -2.51 -6.51
N ALA B 280 28.84 -1.94 -5.43
CA ALA B 280 27.69 -0.99 -5.51
C ALA B 280 28.04 0.36 -4.89
N ILE B 281 29.07 0.99 -5.42
CA ILE B 281 29.64 2.20 -4.84
C ILE B 281 29.29 3.49 -5.63
N GLY B 282 28.24 3.48 -6.43
CA GLY B 282 27.82 4.69 -7.13
C GLY B 282 27.86 4.43 -8.63
N ARG B 283 27.40 5.43 -9.37
CA ARG B 283 27.26 5.39 -10.79
C ARG B 283 27.78 6.74 -11.34
N LYS B 284 28.53 6.63 -12.45
CA LYS B 284 29.19 7.74 -13.12
C LYS B 284 28.45 8.09 -14.39
N GLY B 285 28.06 9.35 -14.53
CA GLY B 285 27.41 9.84 -15.76
C GLY B 285 28.24 9.66 -17.02
N LEU B 286 27.60 9.42 -18.14
CA LEU B 286 28.32 9.04 -19.36
C LEU B 286 28.62 10.25 -20.23
N VAL B 287 29.27 11.27 -19.65
CA VAL B 287 29.57 12.49 -20.40
C VAL B 287 30.74 12.23 -21.40
N ASP B 288 31.53 11.26 -21.05
CA ASP B 288 32.80 10.94 -21.63
C ASP B 288 32.65 10.82 -23.22
N ASP B 289 31.75 9.94 -23.65
CA ASP B 289 31.62 9.59 -25.04
C ASP B 289 30.92 10.63 -25.90
N LEU B 290 30.32 11.63 -25.26
CA LEU B 290 29.54 12.63 -25.97
C LEU B 290 30.34 13.65 -26.71
N ASN B 291 31.61 13.82 -26.31
CA ASN B 291 32.47 14.88 -26.85
C ASN B 291 31.75 16.20 -26.70
N LEU B 292 31.34 16.49 -25.48
CA LEU B 292 30.70 17.80 -25.19
C LEU B 292 31.46 19.04 -25.62
N PRO B 293 32.81 19.08 -25.40
CA PRO B 293 33.57 20.20 -25.94
C PRO B 293 33.27 20.54 -27.40
N ASN B 294 33.06 19.55 -28.29
CA ASN B 294 32.57 19.83 -29.66
C ASN B 294 31.27 20.64 -29.77
N ALA B 295 30.36 20.41 -28.82
CA ALA B 295 29.09 21.14 -28.73
C ALA B 295 29.24 22.45 -27.91
N GLY B 296 30.29 22.52 -27.09
CA GLY B 296 30.51 23.71 -26.25
C GLY B 296 29.75 23.60 -24.93
N VAL B 297 29.25 22.42 -24.61
CA VAL B 297 28.46 22.17 -23.39
C VAL B 297 29.35 22.03 -22.14
N THR B 298 29.07 22.82 -21.10
CA THR B 298 29.80 22.71 -19.82
C THR B 298 29.29 21.58 -18.93
N VAL B 299 30.26 20.92 -18.31
CA VAL B 299 29.97 19.76 -17.50
C VAL B 299 30.39 20.12 -16.06
N GLN B 300 29.96 19.30 -15.10
CA GLN B 300 30.29 19.40 -13.70
C GLN B 300 30.71 18.00 -13.23
N LYS B 301 32.02 17.69 -13.31
CA LYS B 301 32.56 16.31 -13.18
C LYS B 301 31.86 15.37 -14.17
N ASP B 302 31.32 14.23 -13.70
CA ASP B 302 30.58 13.32 -14.60
C ASP B 302 29.12 13.75 -14.97
N LYS B 303 28.65 14.88 -14.52
CA LYS B 303 27.26 15.27 -14.70
C LYS B 303 27.10 16.53 -15.54
N ILE B 304 25.90 16.87 -15.95
CA ILE B 304 25.68 18.09 -16.75
C ILE B 304 24.76 19.00 -15.93
N PRO B 305 25.24 20.22 -15.49
CA PRO B 305 24.31 21.18 -14.84
C PRO B 305 23.37 21.80 -15.86
N VAL B 306 22.11 21.92 -15.47
CA VAL B 306 21.09 22.45 -16.37
C VAL B 306 20.32 23.46 -15.60
N ASP B 307 19.58 24.32 -16.29
CA ASP B 307 18.75 25.33 -15.59
C ASP B 307 17.39 24.68 -15.33
N SER B 308 16.41 25.47 -14.92
CA SER B 308 15.12 24.89 -14.52
C SER B 308 14.24 24.41 -15.68
N GLN B 309 14.69 24.65 -16.91
CA GLN B 309 14.03 24.14 -18.10
C GLN B 309 14.91 23.03 -18.69
N GLU B 310 15.80 22.47 -17.90
CA GLU B 310 16.73 21.43 -18.30
C GLU B 310 17.67 21.89 -19.42
N ALA B 311 17.82 23.21 -19.62
CA ALA B 311 18.77 23.68 -20.66
C ALA B 311 20.18 23.69 -20.11
N THR B 312 21.12 23.25 -20.96
CA THR B 312 22.56 23.50 -20.72
C THR B 312 22.92 24.96 -21.05
N ASN B 313 24.22 25.27 -21.06
CA ASN B 313 24.67 26.58 -21.41
C ASN B 313 24.55 26.76 -22.92
N VAL B 314 24.36 25.67 -23.66
CA VAL B 314 24.04 25.76 -25.11
C VAL B 314 22.50 25.65 -25.27
N ALA B 315 21.90 26.75 -25.70
CA ALA B 315 20.45 26.93 -25.69
C ALA B 315 19.66 25.95 -26.59
N ASN B 316 20.29 25.28 -27.57
CA ASN B 316 19.57 24.26 -28.31
C ASN B 316 19.76 22.83 -27.76
N ILE B 317 20.52 22.69 -26.68
CA ILE B 317 20.91 21.44 -26.06
C ILE B 317 20.48 21.39 -24.59
N TYR B 318 19.62 20.41 -24.29
CA TYR B 318 19.03 20.09 -22.98
C TYR B 318 19.60 18.77 -22.47
N ALA B 319 19.54 18.58 -21.16
CA ALA B 319 19.82 17.25 -20.56
C ALA B 319 18.77 16.92 -19.54
N VAL B 320 18.51 15.61 -19.38
CA VAL B 320 17.40 15.17 -18.56
C VAL B 320 17.69 13.78 -17.97
N GLY B 321 17.14 13.45 -16.80
CA GLY B 321 17.44 12.15 -16.13
C GLY B 321 18.74 12.16 -15.27
N ASP B 322 19.25 10.97 -14.94
CA ASP B 322 20.52 10.74 -14.18
C ASP B 322 21.73 11.59 -14.55
N ILE B 323 21.98 11.91 -15.84
CA ILE B 323 23.22 12.70 -16.17
C ILE B 323 23.20 14.16 -15.71
N ILE B 324 22.04 14.65 -15.30
CA ILE B 324 21.74 16.07 -14.99
C ILE B 324 22.45 16.25 -13.64
N TYR B 325 22.97 17.43 -13.31
CA TYR B 325 23.65 17.59 -11.99
C TYR B 325 22.70 17.91 -10.81
N GLY B 326 22.84 17.15 -9.71
CA GLY B 326 22.21 17.57 -8.44
C GLY B 326 20.75 17.25 -8.19
N LYS B 327 20.18 16.34 -8.98
CA LYS B 327 18.74 16.00 -8.90
C LYS B 327 18.47 14.54 -8.51
N PRO B 328 17.23 14.22 -8.01
CA PRO B 328 16.91 12.81 -7.66
C PRO B 328 17.11 11.83 -8.86
N GLU B 329 17.83 10.76 -8.65
CA GLU B 329 18.11 9.86 -9.75
C GLU B 329 17.10 8.67 -9.72
N LEU B 330 15.93 8.85 -10.33
CA LEU B 330 14.85 7.87 -10.16
C LEU B 330 14.13 7.81 -11.46
N THR B 331 13.48 6.69 -11.76
CA THR B 331 12.77 6.52 -13.04
C THR B 331 11.64 7.50 -13.31
N PRO B 332 10.64 7.66 -12.38
CA PRO B 332 9.51 8.58 -12.75
C PRO B 332 9.87 10.07 -12.86
N VAL B 333 10.97 10.43 -12.23
CA VAL B 333 11.54 11.77 -12.34
C VAL B 333 12.06 11.96 -13.76
N ALA B 334 12.81 10.96 -14.25
CA ALA B 334 13.37 11.01 -15.59
C ALA B 334 12.25 11.05 -16.67
N VAL B 335 11.20 10.27 -16.40
CA VAL B 335 10.09 10.12 -17.29
C VAL B 335 9.29 11.42 -17.33
N LEU B 336 9.02 12.00 -16.16
CA LEU B 336 8.18 13.18 -16.12
C LEU B 336 8.97 14.36 -16.64
N ALA B 337 10.23 14.49 -16.22
CA ALA B 337 11.07 15.57 -16.79
C ALA B 337 11.23 15.48 -18.32
N GLY B 338 11.44 14.30 -18.87
CA GLY B 338 11.58 14.20 -20.32
C GLY B 338 10.27 14.49 -21.04
N ARG B 339 9.18 14.01 -20.48
CA ARG B 339 7.90 14.38 -21.00
C ARG B 339 7.64 15.87 -21.01
N LEU B 340 7.82 16.53 -19.87
CA LEU B 340 7.53 17.94 -19.77
C LEU B 340 8.44 18.73 -20.68
N LEU B 341 9.69 18.29 -20.84
CA LEU B 341 10.62 19.00 -21.69
C LEU B 341 10.10 18.97 -23.16
N ALA B 342 9.76 17.79 -23.70
CA ALA B 342 9.22 17.67 -25.04
C ALA B 342 7.95 18.49 -25.21
N ARG B 343 7.11 18.48 -24.18
CA ARG B 343 5.86 19.25 -24.19
C ARG B 343 6.09 20.79 -24.21
N ARG B 344 7.13 21.28 -23.54
CA ARG B 344 7.47 22.70 -23.69
C ARG B 344 8.07 23.00 -25.08
N LEU B 345 8.86 22.07 -25.61
CA LEU B 345 9.56 22.35 -26.87
C LEU B 345 8.56 22.42 -28.03
N TYR B 346 7.57 21.52 -27.98
CA TYR B 346 6.71 21.27 -29.14
C TYR B 346 5.23 21.36 -28.86
N GLY B 347 4.86 21.44 -27.57
CA GLY B 347 3.44 21.35 -27.15
C GLY B 347 2.86 22.67 -26.67
N GLY B 348 3.68 23.72 -26.76
CA GLY B 348 3.29 25.07 -26.24
C GLY B 348 2.97 25.09 -24.74
N SER B 349 3.61 24.19 -24.00
CA SER B 349 3.50 24.15 -22.55
C SER B 349 4.59 25.03 -21.92
N THR B 350 4.27 25.58 -20.75
CA THR B 350 5.25 26.33 -19.93
C THR B 350 5.58 25.63 -18.60
N GLN B 351 5.03 24.41 -18.40
CA GLN B 351 5.20 23.66 -17.15
C GLN B 351 6.59 23.06 -17.03
N ARG B 352 7.22 23.38 -15.92
CA ARG B 352 8.61 23.02 -15.61
C ARG B 352 8.56 21.81 -14.67
N MET B 353 9.63 21.01 -14.64
CA MET B 353 9.67 19.87 -13.73
C MET B 353 9.77 20.42 -12.30
N ASP B 354 8.95 19.81 -11.43
CA ASP B 354 9.05 19.99 -9.98
C ASP B 354 9.84 18.84 -9.33
N TYR B 355 11.09 19.14 -8.99
CA TYR B 355 11.97 18.20 -8.29
C TYR B 355 11.86 18.11 -6.76
N LYS B 356 10.90 18.82 -6.15
CA LYS B 356 10.84 18.83 -4.68
C LYS B 356 9.83 17.81 -4.13
N ASP B 357 10.10 17.24 -2.96
CA ASP B 357 9.20 16.25 -2.34
C ASP B 357 8.88 15.06 -3.26
N VAL B 358 9.90 14.54 -3.92
CA VAL B 358 9.76 13.27 -4.61
C VAL B 358 9.86 12.14 -3.58
N ALA B 359 8.88 11.23 -3.63
CA ALA B 359 8.87 10.08 -2.81
C ALA B 359 9.77 9.04 -3.43
N THR B 360 10.31 8.19 -2.55
CA THR B 360 11.12 7.09 -2.91
C THR B 360 10.93 5.92 -1.93
N THR B 361 11.31 4.71 -2.35
CA THR B 361 11.28 3.51 -1.52
C THR B 361 12.59 2.74 -1.72
N VAL B 362 13.17 2.39 -0.58
CA VAL B 362 14.25 1.43 -0.56
C VAL B 362 13.63 0.03 -0.37
N PHE B 363 13.80 -0.87 -1.34
CA PHE B 363 13.09 -2.17 -1.29
C PHE B 363 13.96 -3.20 -0.61
N THR B 364 14.29 -2.89 0.64
CA THR B 364 15.03 -3.80 1.52
C THR B 364 14.01 -4.81 2.11
N PRO B 365 14.49 -5.86 2.77
CA PRO B 365 13.61 -6.97 3.22
C PRO B 365 12.39 -6.44 3.95
N LEU B 366 12.65 -5.54 4.89
CA LEU B 366 11.64 -4.61 5.36
C LEU B 366 11.89 -3.30 4.67
N GLU B 367 10.87 -2.87 3.91
CA GLU B 367 10.97 -1.73 3.05
C GLU B 367 10.89 -0.40 3.82
N TYR B 368 11.68 0.58 3.36
CA TYR B 368 11.72 1.89 3.94
C TYR B 368 11.23 2.79 2.83
N ALA B 369 10.12 3.48 3.05
CA ALA B 369 9.69 4.59 2.16
C ALA B 369 9.65 5.96 2.82
N CYS B 370 9.86 6.99 2.01
CA CYS B 370 9.85 8.35 2.53
C CYS B 370 9.51 9.40 1.45
N VAL B 371 9.01 10.54 1.91
CA VAL B 371 8.78 11.72 1.07
C VAL B 371 9.07 13.01 1.91
N GLY B 372 9.63 14.05 1.28
CA GLY B 372 9.87 15.31 2.02
C GLY B 372 11.11 15.23 2.90
N LEU B 373 11.18 16.01 3.99
CA LEU B 373 12.46 16.17 4.68
C LEU B 373 12.72 15.06 5.68
N SER B 374 13.99 14.69 5.76
CA SER B 374 14.48 13.96 6.90
C SER B 374 14.38 14.86 8.15
N GLU B 375 14.43 14.24 9.31
CA GLU B 375 14.32 14.97 10.56
C GLU B 375 15.45 15.99 10.69
N GLU B 376 16.66 15.57 10.36
CA GLU B 376 17.84 16.43 10.51
C GLU B 376 17.80 17.61 9.54
N ASP B 377 17.34 17.39 8.30
CA ASP B 377 17.20 18.52 7.40
C ASP B 377 16.14 19.52 7.88
N ALA B 378 15.06 19.03 8.47
CA ALA B 378 14.01 19.94 8.97
C ALA B 378 14.47 20.76 10.17
N VAL B 379 15.25 20.11 11.04
CA VAL B 379 15.86 20.77 12.22
C VAL B 379 16.89 21.78 11.76
N LYS B 380 17.78 21.33 10.87
CA LYS B 380 18.75 22.21 10.23
C LYS B 380 18.05 23.46 9.72
N GLN B 381 17.05 23.28 8.87
CA GLN B 381 16.38 24.39 8.20
C GLN B 381 15.55 25.33 9.08
N PHE B 382 14.91 24.81 10.12
CA PHE B 382 13.89 25.59 10.85
C PHE B 382 14.15 25.84 12.35
N GLY B 383 15.07 25.07 12.92
CA GLY B 383 15.26 24.99 14.38
C GLY B 383 14.47 23.88 15.07
N ALA B 384 15.14 23.08 15.90
CA ALA B 384 14.50 22.13 16.82
C ALA B 384 13.15 22.60 17.41
N ASP B 385 13.16 23.77 18.06
CA ASP B 385 11.93 24.31 18.70
C ASP B 385 10.78 24.68 17.72
N GLU B 386 11.05 24.67 16.42
CA GLU B 386 9.98 24.86 15.45
C GLU B 386 9.53 23.54 14.78
N ILE B 387 10.20 22.44 15.11
CA ILE B 387 9.86 21.09 14.58
C ILE B 387 9.05 20.25 15.60
N GLU B 388 8.01 19.57 15.13
CA GLU B 388 7.35 18.54 15.89
C GLU B 388 7.58 17.20 15.15
N VAL B 389 8.07 16.19 15.84
CA VAL B 389 8.17 14.88 15.23
C VAL B 389 7.18 13.92 15.92
N PHE B 390 6.14 13.50 15.20
CA PHE B 390 5.24 12.47 15.72
C PHE B 390 5.78 11.10 15.30
N HIS B 391 5.86 10.15 16.21
CA HIS B 391 6.45 8.87 15.87
C HIS B 391 5.76 7.74 16.61
N GLY B 392 6.00 6.55 16.12
CA GLY B 392 5.49 5.37 16.79
C GLY B 392 5.99 4.07 16.20
N TYR B 393 6.02 3.03 17.03
CA TYR B 393 6.13 1.66 16.62
C TYR B 393 4.75 1.08 16.46
N TYR B 394 4.56 0.20 15.49
CA TYR B 394 3.23 -0.32 15.23
C TYR B 394 3.35 -1.81 14.95
N LYS B 395 2.21 -2.50 14.87
CA LYS B 395 2.20 -3.96 14.69
C LYS B 395 1.26 -4.32 13.55
N PRO B 396 1.82 -4.79 12.41
CA PRO B 396 0.90 -5.15 11.32
C PRO B 396 0.11 -6.34 11.78
N THR B 397 -1.19 -6.31 11.53
CA THR B 397 -2.10 -7.45 11.74
C THR B 397 -1.58 -8.76 11.18
N GLU B 398 -1.04 -8.76 9.97
CA GLU B 398 -0.37 -9.94 9.38
C GLU B 398 0.87 -10.47 10.14
N PHE B 399 1.49 -9.69 11.04
CA PHE B 399 2.68 -10.17 11.74
C PHE B 399 2.33 -10.98 12.97
N PHE B 400 1.11 -10.80 13.51
CA PHE B 400 0.72 -11.55 14.79
C PHE B 400 0.80 -13.06 14.76
N ILE B 401 0.02 -13.70 13.88
CA ILE B 401 -0.06 -15.17 13.86
C ILE B 401 1.32 -15.86 13.61
N PRO B 402 2.11 -15.36 12.63
CA PRO B 402 3.44 -15.98 12.55
C PRO B 402 4.52 -15.37 13.49
N GLN B 403 4.12 -14.48 14.37
CA GLN B 403 5.05 -13.95 15.37
C GLN B 403 6.32 -13.32 14.75
N LYS B 404 6.12 -12.46 13.76
CA LYS B 404 7.22 -11.85 13.04
C LYS B 404 7.58 -10.64 13.86
N SER B 405 8.87 -10.31 13.90
CA SER B 405 9.43 -9.20 14.66
C SER B 405 8.84 -7.89 14.23
N VAL B 406 8.50 -7.03 15.20
CA VAL B 406 7.89 -5.74 14.91
C VAL B 406 8.88 -4.72 15.41
N ARG B 407 10.08 -5.21 15.69
CA ARG B 407 11.08 -4.39 16.28
C ARG B 407 11.43 -3.18 15.42
N TYR B 408 11.29 -3.32 14.12
CA TYR B 408 11.70 -2.28 13.21
C TYR B 408 10.54 -1.63 12.46
N CYS B 409 9.31 -1.96 12.85
CA CYS B 409 8.06 -1.36 12.29
C CYS B 409 7.82 -0.04 12.94
N TYR B 410 8.26 1.01 12.29
CA TYR B 410 8.42 2.34 12.85
C TYR B 410 8.14 3.35 11.73
N LEU B 411 7.37 4.36 12.10
CA LEU B 411 7.13 5.48 11.20
C LEU B 411 7.16 6.81 11.96
N LYS B 412 7.28 7.92 11.23
CA LYS B 412 7.30 9.21 11.84
C LYS B 412 6.92 10.29 10.86
N ALA B 413 6.42 11.39 11.42
CA ALA B 413 6.02 12.56 10.65
C ALA B 413 6.83 13.75 11.16
N VAL B 414 7.53 14.44 10.26
CA VAL B 414 8.35 15.57 10.61
C VAL B 414 7.48 16.78 10.18
N ALA B 415 7.09 17.61 11.15
CA ALA B 415 6.07 18.65 10.89
C ALA B 415 6.47 20.00 11.47
N GLU B 416 5.86 21.05 10.92
CA GLU B 416 5.89 22.42 11.50
C GLU B 416 5.26 22.32 12.90
N ARG B 417 5.93 22.84 13.93
CA ARG B 417 5.39 22.76 15.30
C ARG B 417 4.14 23.57 15.55
N HIS B 418 4.11 24.82 15.08
CA HIS B 418 2.99 25.74 15.34
C HIS B 418 2.35 26.16 14.04
N GLY B 419 1.43 27.12 14.13
CA GLY B 419 0.71 27.60 12.94
C GLY B 419 -0.19 26.55 12.32
N ASP B 420 -0.06 26.43 11.00
CA ASP B 420 -0.81 25.45 10.20
C ASP B 420 -0.28 24.03 10.44
N GLN B 421 0.96 23.94 10.93
CA GLN B 421 1.55 22.64 11.26
C GLN B 421 1.71 21.75 10.00
N ARG B 422 2.19 22.38 8.94
CA ARG B 422 2.53 21.74 7.68
C ARG B 422 3.42 20.53 7.96
N VAL B 423 3.12 19.41 7.29
CA VAL B 423 3.94 18.21 7.39
C VAL B 423 5.14 18.45 6.49
N TYR B 424 6.35 18.25 6.98
CA TYR B 424 7.54 18.45 6.13
C TYR B 424 8.08 17.17 5.51
N GLY B 425 7.80 16.03 6.18
CA GLY B 425 8.47 14.77 5.92
C GLY B 425 7.65 13.66 6.52
N LEU B 426 7.59 12.54 5.79
CA LEU B 426 7.01 11.25 6.27
C LEU B 426 7.95 10.08 6.00
N HIS B 427 8.08 9.20 6.99
CA HIS B 427 9.04 8.11 6.92
C HIS B 427 8.39 6.88 7.46
N TYR B 428 8.61 5.74 6.82
CA TYR B 428 7.97 4.52 7.23
C TYR B 428 8.88 3.37 6.88
N ILE B 429 9.15 2.54 7.88
CA ILE B 429 9.65 1.22 7.65
C ILE B 429 8.56 0.20 7.94
N GLY B 430 8.30 -0.68 6.96
CA GLY B 430 7.41 -1.83 7.14
C GLY B 430 7.00 -2.41 5.82
N PRO B 431 5.95 -3.23 5.82
CA PRO B 431 5.42 -3.84 4.63
C PRO B 431 4.84 -2.84 3.62
N VAL B 432 5.06 -3.14 2.34
CA VAL B 432 4.54 -2.37 1.22
C VAL B 432 4.68 -0.86 1.43
N ALA B 433 5.92 -0.46 1.73
CA ALA B 433 6.22 0.92 2.17
C ALA B 433 5.89 1.91 1.02
N GLY B 434 6.20 1.51 -0.20
CA GLY B 434 5.97 2.35 -1.34
C GLY B 434 4.47 2.49 -1.67
N GLU B 435 3.71 1.42 -1.46
CA GLU B 435 2.26 1.49 -1.60
C GLU B 435 1.66 2.43 -0.60
N VAL B 436 2.16 2.42 0.62
CA VAL B 436 1.69 3.33 1.70
C VAL B 436 2.03 4.79 1.41
N ILE B 437 3.28 5.05 1.05
CA ILE B 437 3.75 6.43 1.01
C ILE B 437 3.26 7.20 -0.22
N GLN B 438 3.07 6.54 -1.35
CA GLN B 438 2.62 7.20 -2.57
C GLN B 438 1.45 8.23 -2.38
N GLY B 439 0.35 7.82 -1.74
CA GLY B 439 -0.78 8.72 -1.63
C GLY B 439 -0.42 9.86 -0.69
N PHE B 440 0.38 9.57 0.35
CA PHE B 440 0.78 10.59 1.28
C PHE B 440 1.66 11.63 0.59
N ALA B 441 2.35 11.20 -0.45
CA ALA B 441 3.21 12.12 -1.19
C ALA B 441 2.34 13.09 -1.96
N ALA B 442 1.17 12.62 -2.47
CA ALA B 442 0.23 13.51 -3.13
C ALA B 442 -0.42 14.48 -2.14
N ALA B 443 -0.69 13.97 -0.94
CA ALA B 443 -1.14 14.75 0.20
C ALA B 443 -0.16 15.90 0.49
N LEU B 444 1.11 15.60 0.68
CA LEU B 444 2.14 16.61 0.87
C LEU B 444 2.10 17.70 -0.23
N LYS B 445 2.08 17.29 -1.49
CA LYS B 445 2.00 18.24 -2.62
C LYS B 445 0.72 19.10 -2.60
N SER B 446 -0.31 18.63 -1.87
CA SER B 446 -1.57 19.41 -1.62
C SER B 446 -1.56 20.21 -0.33
N GLY B 447 -0.43 20.32 0.37
CA GLY B 447 -0.45 21.13 1.64
C GLY B 447 -0.80 20.38 2.95
N LEU B 448 -0.74 19.04 2.97
CA LEU B 448 -1.06 18.24 4.17
C LEU B 448 -0.48 18.86 5.42
N THR B 449 -1.35 19.11 6.39
CA THR B 449 -0.98 19.55 7.73
C THR B 449 -1.17 18.39 8.69
N ILE B 450 -0.79 18.62 9.94
CA ILE B 450 -0.91 17.60 10.96
C ILE B 450 -2.37 17.37 11.33
N ASN B 451 -3.13 18.45 11.34
CA ASN B 451 -4.53 18.37 11.63
C ASN B 451 -5.28 17.57 10.60
N THR B 452 -4.98 17.78 9.33
CA THR B 452 -5.58 16.96 8.30
C THR B 452 -5.16 15.50 8.57
N LEU B 453 -3.85 15.28 8.67
CA LEU B 453 -3.32 13.92 8.77
C LEU B 453 -4.06 13.11 9.84
N ILE B 454 -4.08 13.69 11.03
CA ILE B 454 -4.57 13.07 12.26
C ILE B 454 -6.12 12.96 12.32
N ASN B 455 -6.78 13.67 11.42
CA ASN B 455 -8.21 13.61 11.33
C ASN B 455 -8.72 12.96 10.04
N THR B 456 -7.81 12.45 9.17
CA THR B 456 -8.18 11.52 8.12
C THR B 456 -8.45 10.19 8.81
N VAL B 457 -9.68 9.72 8.69
CA VAL B 457 -10.09 8.43 9.18
C VAL B 457 -9.25 7.28 8.55
N GLY B 458 -8.82 6.38 9.44
CA GLY B 458 -8.10 5.20 9.02
C GLY B 458 -8.94 4.24 8.24
N ILE B 459 -8.24 3.52 7.36
CA ILE B 459 -8.78 2.28 6.84
C ILE B 459 -8.27 1.14 7.73
N HIS B 460 -9.19 0.39 8.32
CA HIS B 460 -8.80 -0.57 9.31
C HIS B 460 -9.23 -1.95 8.80
N PRO B 461 -8.37 -2.99 8.94
CA PRO B 461 -6.96 -2.97 9.40
C PRO B 461 -5.90 -2.83 8.31
N THR B 462 -5.05 -1.81 8.42
CA THR B 462 -3.98 -1.57 7.44
C THR B 462 -2.76 -1.08 8.20
N THR B 463 -1.58 -1.09 7.59
CA THR B 463 -0.43 -0.49 8.26
C THR B 463 -0.43 0.96 7.87
N ALA B 464 -0.92 1.28 6.65
CA ALA B 464 -1.05 2.68 6.21
C ALA B 464 -1.81 3.58 7.19
N GLU B 465 -2.85 3.07 7.83
CA GLU B 465 -3.60 3.84 8.83
C GLU B 465 -2.72 4.20 10.06
N GLU B 466 -1.61 3.51 10.26
CA GLU B 466 -0.74 3.97 11.37
C GLU B 466 -0.33 5.43 11.24
N PHE B 467 -0.15 5.95 10.01
CA PHE B 467 0.15 7.37 9.80
C PHE B 467 -0.93 8.29 10.42
N THR B 468 -2.21 7.88 10.32
CA THR B 468 -3.31 8.73 10.73
C THR B 468 -3.49 8.60 12.24
N ARG B 469 -2.85 7.59 12.88
CA ARG B 469 -2.92 7.27 14.35
C ARG B 469 -1.77 7.93 15.12
N LEU B 470 -0.76 8.40 14.41
CA LEU B 470 0.34 9.16 14.98
C LEU B 470 -0.16 10.23 15.99
N ALA B 471 0.49 10.30 17.16
CA ALA B 471 0.05 11.06 18.35
C ALA B 471 1.18 11.39 19.35
N ILE B 472 2.19 10.51 19.46
CA ILE B 472 3.28 10.64 20.42
C ILE B 472 4.43 11.41 19.78
N THR B 473 4.75 12.55 20.35
CA THR B 473 5.81 13.44 19.85
C THR B 473 7.14 13.06 20.48
N LYS B 474 8.22 13.25 19.75
CA LYS B 474 9.53 13.02 20.38
C LYS B 474 9.77 13.96 21.59
N ARG B 475 9.27 15.21 21.49
CA ARG B 475 9.38 16.25 22.52
C ARG B 475 8.72 15.83 23.84
N SER B 476 7.55 15.19 23.77
CA SER B 476 6.96 14.62 25.00
C SER B 476 7.90 13.67 25.74
N GLY B 477 8.83 13.06 25.02
CA GLY B 477 9.62 11.95 25.58
C GLY B 477 8.83 10.69 26.00
N LEU B 478 7.53 10.63 25.72
CA LEU B 478 6.72 9.42 25.97
C LEU B 478 7.18 8.19 25.14
N ASP B 479 6.92 6.99 25.61
CA ASP B 479 7.29 5.78 24.89
C ASP B 479 6.52 5.69 23.57
N PRO B 480 7.22 5.61 22.41
CA PRO B 480 6.47 5.40 21.14
C PRO B 480 5.89 3.95 20.97
N THR B 481 6.03 3.09 21.97
CA THR B 481 5.49 1.71 21.87
C THR B 481 4.27 1.46 22.80
N PRO B 482 3.02 1.75 22.34
CA PRO B 482 1.75 1.43 23.06
C PRO B 482 1.72 0.22 24.03
PA FAD C . -19.78 -2.66 18.57
O1A FAD C . -20.71 -3.79 18.04
O2A FAD C . -18.30 -2.91 18.43
O5B FAD C . -19.99 -2.55 20.14
C5B FAD C . -21.22 -2.55 20.74
C4B FAD C . -21.07 -3.41 22.00
O4B FAD C . -22.11 -3.08 22.91
C3B FAD C . -21.26 -4.90 21.69
O3B FAD C . -20.36 -5.63 22.48
C2B FAD C . -22.68 -5.18 22.14
O2B FAD C . -22.94 -6.51 22.51
C1B FAD C . -22.75 -4.28 23.36
N9A FAD C . -24.11 -3.93 23.75
C8A FAD C . -25.24 -3.81 22.96
N7A FAD C . -26.28 -3.44 23.75
C5A FAD C . -25.83 -3.28 25.02
C6A FAD C . -26.47 -2.92 26.20
N6A FAD C . -27.82 -2.88 26.31
N1A FAD C . -25.69 -2.91 27.31
C2A FAD C . -24.37 -3.21 27.35
N3A FAD C . -23.74 -3.55 26.19
C4A FAD C . -24.46 -3.57 25.04
N1 FAD C . -14.93 -1.97 10.01
C2 FAD C . -13.78 -1.42 9.49
O2 FAD C . -13.50 -0.22 9.71
N3 FAD C . -13.01 -2.17 8.66
C4 FAD C . -13.35 -3.49 8.36
O4 FAD C . -12.50 -4.20 7.80
C4X FAD C . -14.52 -4.03 8.91
N5 FAD C . -14.93 -5.34 8.66
C5X FAD C . -16.08 -5.83 9.26
C6 FAD C . -16.42 -7.16 9.03
C7 FAD C . -17.56 -7.70 9.63
C7M FAD C . -17.73 -9.17 9.55
C8 FAD C . -18.38 -6.92 10.48
C8M FAD C . -19.42 -7.62 11.33
C9 FAD C . -18.01 -5.58 10.74
C9A FAD C . -16.85 -5.05 10.13
N10 FAD C . -16.46 -3.73 10.34
C10 FAD C . -15.31 -3.23 9.74
C1' FAD C . -17.44 -2.78 10.93
C2' FAD C . -16.99 -2.60 12.40
O2' FAD C . -16.63 -3.84 13.06
C3' FAD C . -18.05 -1.76 13.12
O3' FAD C . -18.17 -0.57 12.36
C4' FAD C . -17.54 -1.35 14.50
O4' FAD C . -17.09 -2.46 15.21
C5' FAD C . -18.67 -0.65 15.21
O5' FAD C . -18.34 -0.28 16.52
P FAD C . -19.46 0.05 17.68
O1P FAD C . -18.73 0.59 18.88
O2P FAD C . -20.51 0.98 17.24
O3P FAD C . -20.28 -1.30 17.97
PA FAD D . 19.12 5.24 -18.55
O1A FAD D . 20.41 4.70 -17.94
O2A FAD D . 17.97 4.31 -18.24
O5B FAD D . 19.72 5.72 -20.02
C5B FAD D . 19.41 5.23 -21.25
C4B FAD D . 20.57 4.92 -22.18
O4B FAD D . 21.39 5.85 -22.86
C3B FAD D . 21.40 3.78 -21.75
O3B FAD D . 20.72 2.84 -22.53
C2B FAD D . 22.79 4.13 -22.26
O2B FAD D . 23.66 3.03 -22.57
C1B FAD D . 22.38 4.99 -23.42
N9A FAD D . 23.49 5.79 -23.86
C8A FAD D . 24.43 6.32 -23.04
N7A FAD D . 25.27 7.02 -23.83
C5A FAD D . 24.88 6.94 -25.13
C6A FAD D . 25.38 7.48 -26.33
N6A FAD D . 26.34 8.40 -26.34
N1A FAD D . 24.69 7.19 -27.51
C2A FAD D . 23.57 6.40 -27.54
N3A FAD D . 23.13 5.88 -26.35
C4A FAD D . 23.75 6.16 -25.17
N1 FAD D . 14.58 4.06 -9.89
C2 FAD D . 13.34 4.04 -9.31
O2 FAD D . 12.57 4.96 -9.54
N3 FAD D . 12.98 3.02 -8.47
C4 FAD D . 13.82 1.98 -8.19
O4 FAD D . 13.31 0.90 -7.80
C4X FAD D . 15.10 1.96 -8.78
N5 FAD D . 15.97 0.89 -8.58
C5X FAD D . 17.21 0.85 -9.21
C6 FAD D . 18.09 -0.21 -8.98
C7 FAD D . 19.36 -0.20 -9.65
C7M FAD D . 20.26 -1.44 -9.59
C8 FAD D . 19.69 0.85 -10.54
C8M FAD D . 20.96 0.87 -11.38
C9 FAD D . 18.81 1.92 -10.74
C9A FAD D . 17.55 1.91 -10.05
N10 FAD D . 16.66 3.00 -10.28
C10 FAD D . 15.44 3.01 -9.65
C1' FAD D . 17.14 4.29 -10.89
C2' FAD D . 16.63 4.37 -12.34
O2' FAD D . 16.99 3.16 -13.04
C3' FAD D . 17.29 5.56 -13.07
O3' FAD D . 17.06 6.79 -12.39
C4' FAD D . 16.77 5.68 -14.51
O4' FAD D . 16.97 4.44 -15.17
C5' FAD D . 17.47 6.84 -15.22
O5' FAD D . 16.91 7.02 -16.48
P FAD D . 17.74 7.71 -17.65
O1P FAD D . 16.92 7.85 -18.85
O2P FAD D . 18.32 9.01 -17.17
O3P FAD D . 18.98 6.70 -17.85
#